data_9BPY
#
_entry.id   9BPY
#
_cell.length_a   44.664
_cell.length_b   74.142
_cell.length_c   85.182
_cell.angle_alpha   98.49
_cell.angle_beta   105.16
_cell.angle_gamma   104.80
#
_symmetry.space_group_name_H-M   'P 1'
#
loop_
_entity.id
_entity.type
_entity.pdbx_description
1 polymer 'Poly [ADP-ribose] polymerase 1'
2 non-polymer '[(2R,3S,4R,5R)-5-(6-amino-9H-purin-9-yl)-3,4-dihydroxytetrahydrofuran-2-yl]methyl [(2R,3S,4R,5S)-5-(3-carbamoylphenyl)-3,4-dihydroxytetrahydrofuran-2-yl]methyl dihydrogen diphosphate (non-preferred name)'
3 non-polymer CARBA-NICOTINAMIDE-ADENINE-DINUCLEOTIDE
4 water water
#
_entity_poly.entity_id   1
_entity_poly.type   'polypeptide(L)'
_entity_poly.pdbx_seq_one_letter_code
;MGSSHHHHHHSSGLVPRGSHMTKSKLPKPVQDLIKMIFGSGSGSGGDPIDVNYEKLKTDIKVVDRDSEEAEIIRKYVKNT
HATTHNAYDLEVIDIFKIEREGECQRYKPFKQLHNRRLLWHGSRTTNFAGILSQGLRIAPPEAPVTGYMFGKGIYFADMV
SKSANYCHTSQGDPIGLILLGEVALGNMYELKHASHISKLPKGKHSVKGLGKTTPDPSANISLDGVDVPLGTGISSGVND
TSLLYNEYIVYDIAQVNLKYLLKLKFNFKTS
;
_entity_poly.pdbx_strand_id   A,B,C,D
#
loop_
_chem_comp.id
_chem_comp.type
_chem_comp.name
_chem_comp.formula
CNA non-polymer CARBA-NICOTINAMIDE-ADENINE-DINUCLEOTIDE 'C22 H30 N7 O13 P2 1'
DQV non-polymer '[(2R,3S,4R,5R)-5-(6-amino-9H-purin-9-yl)-3,4-dihydroxytetrahydrofuran-2-yl]methyl [(2R,3S,4R,5S)-5-(3-carbamoylphenyl)-3,4-dihydroxytetrahydrofuran-2-yl]methyl dihydrogen diphosphate (non-preferred name)' 'C22 H28 N6 O14 P2'
#
# COMPACT_ATOMS: atom_id res chain seq x y z
N SER A 24 16.77 -28.05 -15.32
CA SER A 24 17.66 -26.87 -15.50
C SER A 24 19.09 -27.20 -15.06
N LYS A 25 20.06 -26.80 -15.88
CA LYS A 25 21.46 -27.02 -15.61
C LYS A 25 22.13 -25.71 -15.20
N LEU A 26 21.36 -24.84 -14.52
CA LEU A 26 21.80 -23.50 -14.19
C LEU A 26 21.90 -23.36 -12.68
N PRO A 27 22.94 -22.67 -12.14
CA PRO A 27 22.99 -22.38 -10.70
C PRO A 27 21.68 -21.83 -10.18
N LYS A 28 21.35 -22.17 -8.93
CA LYS A 28 20.08 -21.79 -8.32
C LYS A 28 19.86 -20.28 -8.43
N PRO A 29 20.85 -19.40 -8.14
CA PRO A 29 20.60 -17.96 -8.14
C PRO A 29 20.12 -17.44 -9.48
N VAL A 30 20.57 -18.10 -10.57
CA VAL A 30 20.20 -17.71 -11.91
C VAL A 30 18.72 -18.01 -12.13
N GLN A 31 18.30 -19.22 -11.77
CA GLN A 31 16.92 -19.66 -11.98
C GLN A 31 15.96 -18.72 -11.27
N ASP A 32 16.33 -18.30 -10.04
CA ASP A 32 15.57 -17.32 -9.28
C ASP A 32 15.40 -16.06 -10.12
N LEU A 33 16.52 -15.57 -10.66
CA LEU A 33 16.56 -14.38 -11.49
C LEU A 33 15.58 -14.51 -12.66
N ILE A 34 15.57 -15.67 -13.32
CA ILE A 34 14.79 -15.86 -14.53
C ILE A 34 13.31 -15.61 -14.23
N LYS A 35 12.79 -16.22 -13.16
CA LYS A 35 11.39 -16.06 -12.80
C LYS A 35 11.12 -14.61 -12.40
N MET A 36 12.05 -14.01 -11.66
CA MET A 36 11.89 -12.64 -11.20
C MET A 36 11.63 -11.74 -12.40
N ILE A 37 12.35 -12.00 -13.51
CA ILE A 37 12.23 -11.21 -14.73
C ILE A 37 10.89 -11.50 -15.40
N PHE A 38 10.59 -12.79 -15.61
CA PHE A 38 9.40 -13.19 -16.32
C PHE A 38 8.22 -13.28 -15.36
N GLY A 39 7.05 -12.83 -15.85
CA GLY A 39 5.82 -12.81 -15.06
C GLY A 39 4.80 -11.85 -15.65
N PRO A 48 8.27 -22.06 -18.13
CA PRO A 48 9.47 -22.86 -18.42
C PRO A 48 10.72 -21.98 -18.41
N ILE A 49 11.72 -22.37 -17.60
CA ILE A 49 12.87 -21.53 -17.32
C ILE A 49 13.89 -21.61 -18.44
N ASP A 50 14.33 -22.83 -18.78
CA ASP A 50 15.43 -23.01 -19.73
C ASP A 50 15.10 -22.35 -21.07
N VAL A 51 13.83 -22.36 -21.46
CA VAL A 51 13.38 -21.74 -22.69
C VAL A 51 13.56 -20.22 -22.59
N ASN A 52 13.36 -19.66 -21.39
CA ASN A 52 13.37 -18.23 -21.16
C ASN A 52 14.80 -17.68 -21.12
N TYR A 53 15.78 -18.52 -20.74
CA TYR A 53 17.18 -18.14 -20.74
C TYR A 53 17.69 -17.98 -22.18
N GLU A 54 17.16 -18.83 -23.07
CA GLU A 54 17.52 -18.79 -24.48
C GLU A 54 16.97 -17.52 -25.13
N LYS A 55 15.87 -16.99 -24.58
CA LYS A 55 15.22 -15.81 -25.12
C LYS A 55 15.96 -14.53 -24.72
N LEU A 56 16.70 -14.59 -23.61
CA LEU A 56 17.47 -13.43 -23.14
C LEU A 56 18.67 -13.20 -24.05
N LYS A 57 19.11 -14.25 -24.78
CA LYS A 57 20.21 -14.14 -25.72
C LYS A 57 21.43 -13.61 -24.97
N THR A 58 21.60 -14.06 -23.72
CA THR A 58 22.60 -13.54 -22.82
C THR A 58 23.26 -14.69 -22.07
N ASP A 59 24.57 -14.57 -21.84
CA ASP A 59 25.32 -15.56 -21.07
C ASP A 59 25.49 -15.04 -19.65
N ILE A 60 24.71 -15.62 -18.72
CA ILE A 60 24.66 -15.15 -17.34
C ILE A 60 25.43 -16.14 -16.46
N LYS A 61 26.40 -15.62 -15.69
CA LYS A 61 27.22 -16.43 -14.81
C LYS A 61 27.22 -15.80 -13.42
N VAL A 62 27.27 -16.66 -12.39
CA VAL A 62 27.32 -16.19 -11.01
C VAL A 62 28.76 -15.87 -10.63
N VAL A 63 28.96 -14.65 -10.14
CA VAL A 63 30.27 -14.18 -9.71
C VAL A 63 30.50 -14.67 -8.28
N ASP A 64 31.65 -15.34 -8.06
CA ASP A 64 31.99 -15.89 -6.76
C ASP A 64 31.98 -14.76 -5.73
N ARG A 65 31.43 -15.04 -4.54
CA ARG A 65 31.24 -14.03 -3.51
C ARG A 65 32.59 -13.58 -2.95
N ASP A 66 33.59 -14.47 -2.99
CA ASP A 66 34.89 -14.20 -2.40
C ASP A 66 35.89 -13.70 -3.45
N SER A 67 35.44 -13.52 -4.70
CA SER A 67 36.31 -13.12 -5.79
C SER A 67 36.71 -11.66 -5.65
N GLU A 68 37.69 -11.24 -6.47
CA GLU A 68 38.12 -9.85 -6.53
C GLU A 68 36.99 -9.00 -7.11
N GLU A 69 36.30 -9.51 -8.14
CA GLU A 69 35.22 -8.79 -8.78
C GLU A 69 34.17 -8.40 -7.74
N ALA A 70 33.72 -9.39 -6.96
CA ALA A 70 32.65 -9.21 -6.01
C ALA A 70 33.07 -8.24 -4.91
N GLU A 71 34.29 -8.40 -4.40
CA GLU A 71 34.83 -7.53 -3.38
C GLU A 71 34.84 -6.08 -3.87
N ILE A 72 35.17 -5.90 -5.17
CA ILE A 72 35.18 -4.59 -5.79
C ILE A 72 33.75 -4.06 -5.92
N ILE A 73 32.87 -4.90 -6.46
CA ILE A 73 31.51 -4.48 -6.79
C ILE A 73 30.75 -4.11 -5.52
N ARG A 74 30.95 -4.88 -4.43
CA ARG A 74 30.28 -4.59 -3.17
C ARG A 74 30.85 -3.32 -2.55
N LYS A 75 32.14 -3.06 -2.79
CA LYS A 75 32.79 -1.86 -2.30
C LYS A 75 32.23 -0.64 -3.03
N TYR A 76 31.92 -0.81 -4.33
CA TYR A 76 31.29 0.24 -5.13
C TYR A 76 29.95 0.58 -4.50
N VAL A 77 29.14 -0.46 -4.24
CA VAL A 77 27.77 -0.31 -3.75
C VAL A 77 27.76 0.31 -2.35
N LYS A 78 28.76 -0.01 -1.52
CA LYS A 78 28.79 0.53 -0.18
C LYS A 78 29.06 2.03 -0.21
N ASN A 79 30.15 2.42 -0.90
CA ASN A 79 30.72 3.74 -0.76
C ASN A 79 29.86 4.79 -1.48
N THR A 80 29.18 4.38 -2.56
CA THR A 80 28.50 5.32 -3.42
C THR A 80 27.02 5.41 -3.07
N HIS A 81 26.60 4.80 -1.95
CA HIS A 81 25.26 4.99 -1.42
C HIS A 81 25.19 6.36 -0.76
N ALA A 82 24.30 7.22 -1.28
CA ALA A 82 24.36 8.65 -1.06
C ALA A 82 23.54 9.02 0.17
N THR A 83 23.96 10.13 0.82
CA THR A 83 23.39 10.56 2.10
C THR A 83 21.96 11.07 1.91
N THR A 84 21.69 11.68 0.75
CA THR A 84 20.36 12.18 0.41
C THR A 84 19.35 11.05 0.41
N HIS A 85 19.78 9.82 0.09
CA HIS A 85 18.92 8.66 -0.09
C HIS A 85 18.91 7.80 1.18
N ASN A 86 18.37 8.41 2.24
CA ASN A 86 18.34 7.83 3.56
C ASN A 86 17.24 6.76 3.69
N ALA A 87 16.45 6.58 2.63
CA ALA A 87 15.22 5.80 2.72
C ALA A 87 15.51 4.32 2.99
N TYR A 88 16.75 3.87 2.79
CA TYR A 88 17.03 2.44 2.78
C TYR A 88 18.53 2.19 2.76
N ASP A 89 18.92 0.97 3.18
CA ASP A 89 20.24 0.43 2.93
C ASP A 89 20.12 -0.59 1.79
N LEU A 90 21.25 -0.89 1.15
CA LEU A 90 21.30 -1.90 0.11
C LEU A 90 22.14 -3.08 0.57
N GLU A 91 21.70 -4.30 0.22
CA GLU A 91 22.48 -5.50 0.43
C GLU A 91 22.52 -6.27 -0.88
N VAL A 92 23.72 -6.72 -1.26
CA VAL A 92 23.92 -7.42 -2.53
C VAL A 92 23.64 -8.90 -2.31
N ILE A 93 22.60 -9.40 -2.98
CA ILE A 93 22.18 -10.78 -2.84
C ILE A 93 22.99 -11.65 -3.79
N ASP A 94 23.01 -11.26 -5.07
CA ASP A 94 23.69 -12.01 -6.11
C ASP A 94 24.32 -11.04 -7.11
N ILE A 95 25.45 -11.48 -7.68
CA ILE A 95 26.16 -10.71 -8.71
C ILE A 95 26.29 -11.59 -9.94
N PHE A 96 25.76 -11.13 -11.08
CA PHE A 96 25.79 -11.90 -12.31
C PHE A 96 26.73 -11.22 -13.31
N LYS A 97 27.53 -12.04 -14.02
CA LYS A 97 28.40 -11.56 -15.07
C LYS A 97 27.73 -11.80 -16.42
N ILE A 98 26.94 -10.80 -16.85
CA ILE A 98 26.17 -10.90 -18.08
C ILE A 98 27.08 -10.58 -19.28
N GLU A 99 26.72 -11.15 -20.42
CA GLU A 99 27.47 -11.02 -21.66
C GLU A 99 26.49 -11.16 -22.82
N ARG A 100 25.90 -10.03 -23.21
CA ARG A 100 24.88 -10.02 -24.26
C ARG A 100 25.47 -10.55 -25.56
N GLU A 101 24.70 -11.38 -26.26
CA GLU A 101 25.13 -11.97 -27.52
C GLU A 101 25.14 -10.89 -28.59
N GLY A 102 26.33 -10.61 -29.14
CA GLY A 102 26.48 -9.65 -30.23
C GLY A 102 26.90 -8.26 -29.76
N GLU A 103 26.72 -7.97 -28.46
CA GLU A 103 26.98 -6.64 -27.92
C GLU A 103 28.48 -6.37 -27.93
N CYS A 104 29.28 -7.39 -27.59
CA CYS A 104 30.73 -7.27 -27.53
C CYS A 104 31.30 -6.79 -28.86
N GLN A 105 30.79 -7.38 -29.96
CA GLN A 105 31.23 -7.06 -31.31
C GLN A 105 30.76 -5.67 -31.70
N ARG A 106 29.56 -5.30 -31.25
CA ARG A 106 28.96 -4.01 -31.54
C ARG A 106 29.78 -2.89 -30.88
N TYR A 107 30.40 -3.20 -29.73
CA TYR A 107 31.10 -2.22 -28.92
C TYR A 107 32.60 -2.20 -29.27
N LYS A 108 33.01 -3.02 -30.26
CA LYS A 108 34.41 -3.12 -30.63
C LYS A 108 34.95 -1.75 -31.06
N PRO A 109 34.20 -0.95 -31.87
CA PRO A 109 34.64 0.41 -32.20
C PRO A 109 35.07 1.23 -30.99
N PHE A 110 34.19 1.34 -29.99
CA PHE A 110 34.41 2.23 -28.87
C PHE A 110 35.22 1.55 -27.77
N LYS A 111 35.58 0.26 -27.97
CA LYS A 111 36.33 -0.50 -26.99
C LYS A 111 37.69 0.16 -26.75
N GLN A 112 38.22 0.81 -27.79
CA GLN A 112 39.54 1.42 -27.74
C GLN A 112 39.44 2.86 -27.22
N LEU A 113 38.23 3.43 -27.21
CA LEU A 113 38.02 4.82 -26.80
C LEU A 113 38.51 5.01 -25.37
N HIS A 114 39.03 6.21 -25.07
CA HIS A 114 39.64 6.49 -23.78
C HIS A 114 38.54 6.80 -22.76
N ASN A 115 38.91 6.76 -21.47
CA ASN A 115 38.01 7.12 -20.38
C ASN A 115 36.69 6.38 -20.54
N ARG A 116 36.75 5.06 -20.34
CA ARG A 116 35.57 4.22 -20.22
C ARG A 116 35.36 3.95 -18.73
N ARG A 117 34.11 4.13 -18.25
CA ARG A 117 33.80 3.87 -16.86
C ARG A 117 32.77 2.76 -16.73
N LEU A 118 32.74 2.15 -15.54
CA LEU A 118 31.72 1.19 -15.16
C LEU A 118 30.70 1.92 -14.31
N LEU A 119 29.46 2.01 -14.80
CA LEU A 119 28.46 2.91 -14.21
C LEU A 119 27.14 2.18 -13.99
N TRP A 120 26.34 2.76 -13.08
CA TRP A 120 25.07 2.19 -12.66
C TRP A 120 23.97 2.57 -13.64
N HIS A 121 23.09 1.60 -13.95
CA HIS A 121 21.82 1.89 -14.61
C HIS A 121 20.73 1.04 -13.98
N GLY A 122 19.78 1.72 -13.31
CA GLY A 122 18.66 1.06 -12.67
C GLY A 122 17.39 1.20 -13.49
N SER A 123 16.55 0.16 -13.44
CA SER A 123 15.30 0.13 -14.18
C SER A 123 14.32 -0.79 -13.46
N ARG A 124 13.04 -0.64 -13.80
CA ARG A 124 11.98 -1.52 -13.33
C ARG A 124 12.30 -2.96 -13.73
N THR A 125 11.95 -3.91 -12.85
CA THR A 125 12.29 -5.31 -13.07
C THR A 125 11.55 -5.85 -14.29
N THR A 126 10.39 -5.26 -14.61
CA THR A 126 9.59 -5.68 -15.75
C THR A 126 10.35 -5.50 -17.06
N ASN A 127 11.22 -4.49 -17.11
CA ASN A 127 11.91 -4.09 -18.34
C ASN A 127 13.03 -5.07 -18.68
N PHE A 128 13.70 -5.64 -17.67
CA PHE A 128 14.95 -6.36 -17.86
C PHE A 128 14.82 -7.51 -18.87
N ALA A 129 13.60 -7.98 -19.13
CA ALA A 129 13.37 -8.95 -20.19
C ALA A 129 13.88 -8.38 -21.52
N GLY A 130 13.48 -7.14 -21.82
CA GLY A 130 13.89 -6.44 -23.04
C GLY A 130 15.34 -5.98 -22.98
N ILE A 131 15.77 -5.47 -21.82
CA ILE A 131 17.08 -4.88 -21.66
C ILE A 131 18.16 -5.92 -21.92
N LEU A 132 17.91 -7.17 -21.50
CA LEU A 132 18.92 -8.23 -21.65
C LEU A 132 18.90 -8.78 -23.07
N SER A 133 17.71 -8.84 -23.69
CA SER A 133 17.59 -9.36 -25.04
C SER A 133 18.04 -8.32 -26.07
N GLN A 134 17.53 -7.10 -25.96
CA GLN A 134 17.75 -6.07 -26.95
C GLN A 134 18.87 -5.11 -26.56
N GLY A 135 19.32 -5.17 -25.29
CA GLY A 135 20.26 -4.19 -24.78
C GLY A 135 19.59 -2.91 -24.34
N LEU A 136 20.34 -2.03 -23.66
CA LEU A 136 19.86 -0.71 -23.30
C LEU A 136 19.68 0.10 -24.58
N ARG A 137 18.47 0.65 -24.74
CA ARG A 137 18.12 1.42 -25.91
C ARG A 137 17.75 2.84 -25.48
N ILE A 138 17.69 3.72 -26.48
CA ILE A 138 17.29 5.11 -26.29
C ILE A 138 15.78 5.13 -26.10
N ALA A 139 15.31 6.08 -25.29
CA ALA A 139 13.89 6.32 -25.15
C ALA A 139 13.28 6.52 -26.54
N PRO A 140 12.14 5.88 -26.86
CA PRO A 140 11.64 5.86 -28.24
C PRO A 140 11.22 7.25 -28.72
N PRO A 141 10.96 7.43 -30.04
CA PRO A 141 10.44 8.70 -30.55
C PRO A 141 9.15 9.18 -29.89
N GLU A 142 8.27 8.23 -29.53
CA GLU A 142 6.94 8.51 -29.02
C GLU A 142 7.02 9.12 -27.62
N ALA A 143 8.07 8.78 -26.88
CA ALA A 143 8.25 9.24 -25.51
C ALA A 143 8.30 10.76 -25.46
N PRO A 144 8.06 11.40 -24.29
CA PRO A 144 8.13 12.86 -24.18
C PRO A 144 9.56 13.34 -23.95
N VAL A 145 9.93 14.43 -24.63
CA VAL A 145 11.33 14.89 -24.67
C VAL A 145 11.56 15.95 -23.60
N THR A 146 10.47 16.56 -23.11
CA THR A 146 10.52 17.66 -22.16
C THR A 146 11.05 17.19 -20.80
N GLY A 147 10.84 15.92 -20.47
CA GLY A 147 11.16 15.39 -19.15
C GLY A 147 12.66 15.26 -18.90
N TYR A 148 13.44 15.21 -19.98
CA TYR A 148 14.86 14.89 -19.89
C TYR A 148 15.66 16.16 -19.60
N MET A 149 16.76 15.98 -18.84
CA MET A 149 17.65 17.11 -18.57
C MET A 149 18.56 17.26 -19.77
N PHE A 150 19.19 16.14 -20.20
CA PHE A 150 20.20 16.19 -21.25
C PHE A 150 19.71 15.40 -22.47
N GLY A 151 18.43 15.56 -22.82
CA GLY A 151 17.85 14.98 -24.02
C GLY A 151 17.63 13.47 -23.90
N LYS A 152 17.02 12.88 -24.93
CA LYS A 152 16.84 11.43 -25.00
C LYS A 152 18.18 10.77 -25.28
N GLY A 153 18.78 10.19 -24.23
CA GLY A 153 19.90 9.27 -24.36
C GLY A 153 19.81 8.17 -23.30
N ILE A 154 20.93 7.45 -23.11
CA ILE A 154 21.03 6.43 -22.09
C ILE A 154 21.77 7.04 -20.90
N TYR A 155 21.05 7.17 -19.77
CA TYR A 155 21.58 7.81 -18.59
C TYR A 155 22.28 6.77 -17.71
N PHE A 156 23.31 7.22 -16.99
CA PHE A 156 24.01 6.40 -16.02
C PHE A 156 24.34 7.25 -14.81
N ALA A 157 24.81 6.58 -13.74
CA ALA A 157 25.22 7.24 -12.52
C ALA A 157 26.46 6.55 -11.96
N ASP A 158 27.24 7.30 -11.18
CA ASP A 158 28.38 6.73 -10.47
C ASP A 158 28.03 6.55 -8.99
N MET A 159 26.79 6.89 -8.63
CA MET A 159 26.28 6.71 -7.28
C MET A 159 25.15 5.66 -7.33
N VAL A 160 25.31 4.56 -6.60
CA VAL A 160 24.38 3.43 -6.67
C VAL A 160 22.97 3.88 -6.24
N SER A 161 22.88 4.70 -5.20
CA SER A 161 21.60 5.10 -4.65
C SER A 161 20.79 5.93 -5.65
N LYS A 162 21.45 6.60 -6.61
CA LYS A 162 20.76 7.37 -7.62
C LYS A 162 20.03 6.43 -8.57
N SER A 163 20.78 5.47 -9.13
CA SER A 163 20.23 4.51 -10.07
C SER A 163 19.23 3.59 -9.37
N ALA A 164 19.55 3.20 -8.13
CA ALA A 164 18.70 2.30 -7.36
C ALA A 164 17.26 2.80 -7.34
N ASN A 165 17.07 4.12 -7.27
CA ASN A 165 15.76 4.73 -7.16
C ASN A 165 14.90 4.45 -8.40
N TYR A 166 15.52 4.02 -9.51
CA TYR A 166 14.79 3.80 -10.76
C TYR A 166 14.38 2.33 -10.86
N CYS A 167 14.79 1.50 -9.89
CA CYS A 167 14.29 0.14 -9.77
C CYS A 167 12.83 0.14 -9.35
N HIS A 168 12.41 1.20 -8.65
CA HIS A 168 11.03 1.38 -8.23
C HIS A 168 10.61 0.26 -7.28
N THR A 169 11.56 -0.21 -6.46
CA THR A 169 11.27 -1.15 -5.40
C THR A 169 10.50 -0.41 -4.31
N SER A 170 9.68 -1.16 -3.56
CA SER A 170 8.84 -0.60 -2.51
C SER A 170 8.86 -1.53 -1.30
N GLN A 171 8.11 -1.15 -0.26
CA GLN A 171 8.05 -1.92 0.98
C GLN A 171 7.67 -3.36 0.68
N GLY A 172 6.60 -3.55 -0.09
CA GLY A 172 6.04 -4.87 -0.37
C GLY A 172 6.64 -5.55 -1.60
N ASP A 173 7.70 -4.95 -2.16
CA ASP A 173 8.44 -5.56 -3.26
C ASP A 173 9.87 -5.02 -3.23
N PRO A 174 10.71 -5.47 -2.27
CA PRO A 174 11.99 -4.83 -2.00
C PRO A 174 13.22 -5.46 -2.66
N ILE A 175 13.03 -6.17 -3.77
CA ILE A 175 14.16 -6.71 -4.53
C ILE A 175 14.16 -6.07 -5.91
N GLY A 176 15.26 -5.36 -6.22
CA GLY A 176 15.44 -4.73 -7.51
C GLY A 176 16.56 -5.38 -8.31
N LEU A 177 16.65 -4.97 -9.58
CA LEU A 177 17.76 -5.33 -10.45
C LEU A 177 18.42 -4.06 -10.96
N ILE A 178 19.76 -4.08 -11.02
CA ILE A 178 20.53 -2.90 -11.38
C ILE A 178 21.72 -3.34 -12.22
N LEU A 179 22.04 -2.54 -13.25
CA LEU A 179 23.09 -2.89 -14.20
C LEU A 179 24.36 -2.15 -13.85
N LEU A 180 25.50 -2.79 -14.17
CA LEU A 180 26.78 -2.12 -14.31
C LEU A 180 27.20 -2.21 -15.77
N GLY A 181 27.17 -1.07 -16.46
CA GLY A 181 27.62 -1.00 -17.84
C GLY A 181 29.02 -0.44 -17.95
N GLU A 182 29.84 -1.05 -18.81
CA GLU A 182 31.03 -0.40 -19.32
C GLU A 182 30.57 0.65 -20.33
N VAL A 183 30.76 1.93 -19.99
CA VAL A 183 30.28 3.03 -20.82
C VAL A 183 31.48 3.73 -21.45
N ALA A 184 31.56 3.71 -22.78
CA ALA A 184 32.63 4.38 -23.52
C ALA A 184 32.31 5.87 -23.63
N LEU A 185 32.82 6.65 -22.67
CA LEU A 185 32.46 8.04 -22.51
C LEU A 185 33.30 8.91 -23.44
N GLY A 186 34.62 8.69 -23.44
CA GLY A 186 35.53 9.46 -24.27
C GLY A 186 35.69 10.89 -23.73
N ASN A 187 35.54 11.86 -24.63
CA ASN A 187 35.57 13.25 -24.22
C ASN A 187 34.17 13.67 -23.82
N MET A 188 34.04 14.11 -22.57
CA MET A 188 32.75 14.40 -22.00
C MET A 188 32.43 15.87 -22.25
N TYR A 189 31.15 16.14 -22.52
CA TYR A 189 30.63 17.50 -22.50
C TYR A 189 30.06 17.74 -21.11
N GLU A 190 30.86 18.36 -20.23
CA GLU A 190 30.55 18.45 -18.81
C GLU A 190 29.70 19.68 -18.53
N LEU A 191 28.39 19.45 -18.36
CA LEU A 191 27.41 20.52 -18.19
C LEU A 191 26.97 20.60 -16.73
N LYS A 192 26.56 21.81 -16.32
CA LYS A 192 26.15 22.10 -14.96
C LYS A 192 24.64 22.35 -14.87
N HIS A 193 23.98 22.42 -16.03
CA HIS A 193 22.66 23.04 -16.17
C HIS A 193 21.95 22.38 -17.35
N ALA A 194 20.61 22.28 -17.25
CA ALA A 194 19.79 21.62 -18.26
C ALA A 194 20.19 22.08 -19.64
N SER A 195 20.53 21.11 -20.52
CA SER A 195 20.77 21.44 -21.92
C SER A 195 20.03 20.49 -22.85
N HIS A 196 19.09 21.03 -23.63
CA HIS A 196 18.34 20.23 -24.58
C HIS A 196 19.23 19.96 -25.79
N ILE A 197 19.90 18.80 -25.81
CA ILE A 197 20.91 18.52 -26.82
C ILE A 197 20.26 17.69 -27.93
N SER A 198 20.59 18.05 -29.18
CA SER A 198 20.34 17.20 -30.33
C SER A 198 21.63 16.93 -31.10
N LYS A 199 22.75 17.50 -30.64
CA LYS A 199 24.06 17.29 -31.24
C LYS A 199 25.14 17.62 -30.22
N LEU A 200 26.11 16.72 -30.06
CA LEU A 200 27.26 16.95 -29.22
C LEU A 200 28.23 17.88 -29.94
N PRO A 201 28.97 18.77 -29.23
CA PRO A 201 30.06 19.52 -29.84
C PRO A 201 31.12 18.58 -30.41
N LYS A 202 31.92 19.08 -31.35
CA LYS A 202 32.87 18.24 -32.08
C LYS A 202 34.02 17.86 -31.15
N GLY A 203 34.38 16.58 -31.15
CA GLY A 203 35.33 16.02 -30.22
C GLY A 203 34.66 15.27 -29.06
N LYS A 204 33.36 15.50 -28.86
CA LYS A 204 32.64 15.00 -27.69
C LYS A 204 31.82 13.76 -28.07
N HIS A 205 31.81 12.75 -27.19
CA HIS A 205 31.05 11.53 -27.44
C HIS A 205 30.07 11.22 -26.31
N SER A 206 30.07 12.05 -25.26
CA SER A 206 29.22 11.82 -24.10
C SER A 206 28.96 13.13 -23.38
N VAL A 207 27.90 13.15 -22.56
CA VAL A 207 27.61 14.26 -21.68
C VAL A 207 27.82 13.80 -20.24
N LYS A 208 28.30 14.71 -19.40
CA LYS A 208 28.39 14.49 -17.97
C LYS A 208 27.73 15.64 -17.24
N GLY A 209 26.62 15.35 -16.55
CA GLY A 209 26.04 16.29 -15.60
C GLY A 209 26.89 16.33 -14.33
N LEU A 210 27.47 17.50 -14.03
CA LEU A 210 28.36 17.66 -12.89
C LEU A 210 27.55 17.84 -11.62
N GLY A 211 27.59 16.84 -10.74
CA GLY A 211 26.94 16.91 -9.45
C GLY A 211 27.76 17.72 -8.45
N LYS A 212 27.12 18.05 -7.32
CA LYS A 212 27.78 18.70 -6.20
C LYS A 212 28.59 17.69 -5.40
N THR A 213 28.20 16.41 -5.47
CA THR A 213 28.87 15.36 -4.73
C THR A 213 29.28 14.26 -5.71
N THR A 214 30.54 13.82 -5.58
CA THR A 214 31.14 12.90 -6.54
C THR A 214 31.90 11.83 -5.77
N PRO A 215 31.92 10.57 -6.27
CA PRO A 215 32.83 9.55 -5.75
C PRO A 215 34.26 10.08 -5.75
N ASP A 216 34.88 10.08 -4.55
CA ASP A 216 36.23 10.58 -4.38
C ASP A 216 37.11 10.08 -5.51
N PRO A 217 37.67 10.98 -6.35
CA PRO A 217 38.40 10.59 -7.56
C PRO A 217 39.79 10.01 -7.31
N SER A 218 40.37 10.31 -6.14
CA SER A 218 41.68 9.79 -5.79
C SER A 218 41.58 8.33 -5.34
N ALA A 219 40.35 7.84 -5.13
CA ALA A 219 40.11 6.47 -4.70
C ALA A 219 39.45 5.66 -5.81
N ASN A 220 39.79 5.97 -7.07
CA ASN A 220 39.32 5.19 -8.21
C ASN A 220 40.27 4.01 -8.41
N ILE A 221 39.73 2.94 -9.01
CA ILE A 221 40.50 1.75 -9.34
C ILE A 221 40.11 1.32 -10.75
N SER A 222 41.02 0.58 -11.41
CA SER A 222 40.84 0.19 -12.80
C SER A 222 40.64 -1.32 -12.90
N LEU A 223 39.38 -1.74 -13.13
CA LEU A 223 39.02 -3.14 -13.30
C LEU A 223 39.03 -3.47 -14.80
N ASP A 224 39.88 -4.43 -15.18
CA ASP A 224 40.24 -4.68 -16.56
C ASP A 224 40.76 -3.36 -17.15
N GLY A 225 40.11 -2.84 -18.20
CA GLY A 225 40.55 -1.59 -18.81
C GLY A 225 39.71 -0.40 -18.37
N VAL A 226 38.75 -0.66 -17.47
CA VAL A 226 37.68 0.27 -17.18
C VAL A 226 37.95 0.97 -15.85
N ASP A 227 37.54 2.24 -15.73
CA ASP A 227 37.62 3.00 -14.49
C ASP A 227 36.37 2.73 -13.66
N VAL A 228 36.56 2.60 -12.35
CA VAL A 228 35.48 2.32 -11.42
C VAL A 228 35.50 3.37 -10.31
N PRO A 229 34.55 4.35 -10.33
CA PRO A 229 34.55 5.44 -9.35
C PRO A 229 33.86 5.04 -8.05
N LEU A 230 34.58 4.29 -7.21
CA LEU A 230 33.96 3.63 -6.07
C LEU A 230 34.38 4.28 -4.76
N GLY A 231 34.97 5.48 -4.84
CA GLY A 231 35.31 6.23 -3.63
C GLY A 231 34.05 6.74 -2.93
N THR A 232 34.21 7.13 -1.65
CA THR A 232 33.10 7.67 -0.88
C THR A 232 32.74 9.04 -1.47
N GLY A 233 31.48 9.46 -1.29
CA GLY A 233 31.02 10.75 -1.80
C GLY A 233 31.68 11.92 -1.07
N ILE A 234 32.30 12.83 -1.84
CA ILE A 234 32.83 14.08 -1.31
C ILE A 234 32.33 15.23 -2.21
N SER A 235 32.44 16.46 -1.70
CA SER A 235 32.09 17.65 -2.47
C SER A 235 32.99 17.76 -3.70
N SER A 236 32.37 17.93 -4.87
CA SER A 236 33.07 17.91 -6.15
C SER A 236 33.88 19.18 -6.35
N GLY A 237 33.51 20.24 -5.64
CA GLY A 237 34.15 21.54 -5.80
C GLY A 237 33.46 22.39 -6.86
N VAL A 238 32.41 21.84 -7.47
CA VAL A 238 31.61 22.57 -8.44
C VAL A 238 30.46 23.25 -7.70
N ASN A 239 30.43 24.59 -7.79
CA ASN A 239 29.49 25.40 -7.01
C ASN A 239 28.20 25.68 -7.79
N ASP A 240 28.27 25.73 -9.12
CA ASP A 240 27.26 26.43 -9.90
C ASP A 240 26.38 25.42 -10.64
N THR A 241 26.07 24.28 -10.00
CA THR A 241 25.39 23.19 -10.68
C THR A 241 24.09 22.87 -9.95
N SER A 242 23.11 22.36 -10.70
CA SER A 242 21.77 22.10 -10.20
C SER A 242 21.62 20.65 -9.74
N LEU A 243 22.63 19.81 -10.01
CA LEU A 243 22.57 18.39 -9.70
C LEU A 243 23.26 18.13 -8.36
N LEU A 244 22.75 17.13 -7.62
CA LEU A 244 23.34 16.67 -6.39
C LEU A 244 24.43 15.63 -6.69
N TYR A 245 24.17 14.77 -7.69
CA TYR A 245 25.09 13.71 -8.07
C TYR A 245 25.37 13.80 -9.57
N ASN A 246 26.50 13.23 -9.99
CA ASN A 246 26.85 13.21 -11.40
C ASN A 246 25.85 12.33 -12.15
N GLU A 247 25.78 12.51 -13.47
CA GLU A 247 25.13 11.55 -14.34
C GLU A 247 25.78 11.61 -15.72
N TYR A 248 25.59 10.52 -16.48
CA TYR A 248 26.31 10.32 -17.72
C TYR A 248 25.31 9.92 -18.80
N ILE A 249 25.42 10.55 -19.97
CA ILE A 249 24.49 10.29 -21.07
C ILE A 249 25.29 9.96 -22.32
N VAL A 250 24.80 8.97 -23.08
CA VAL A 250 25.38 8.62 -24.37
C VAL A 250 24.24 8.48 -25.37
N TYR A 251 24.49 8.84 -26.64
CA TYR A 251 23.43 8.97 -27.62
C TYR A 251 23.56 7.92 -28.72
N ASP A 252 24.52 6.99 -28.55
CA ASP A 252 24.64 5.82 -29.40
C ASP A 252 24.58 4.58 -28.51
N ILE A 253 23.71 3.63 -28.86
CA ILE A 253 23.49 2.43 -28.07
C ILE A 253 24.76 1.58 -28.04
N ALA A 254 25.61 1.73 -29.08
CA ALA A 254 26.79 0.90 -29.23
C ALA A 254 27.87 1.24 -28.20
N GLN A 255 27.74 2.40 -27.54
CA GLN A 255 28.75 2.87 -26.60
C GLN A 255 28.61 2.17 -25.24
N VAL A 256 27.57 1.33 -25.09
CA VAL A 256 27.30 0.65 -23.84
C VAL A 256 27.62 -0.84 -23.96
N ASN A 257 28.36 -1.36 -22.98
CA ASN A 257 28.64 -2.79 -22.89
C ASN A 257 28.26 -3.24 -21.48
N LEU A 258 27.18 -4.02 -21.38
CA LEU A 258 26.68 -4.50 -20.11
C LEU A 258 27.62 -5.58 -19.58
N LYS A 259 28.04 -5.43 -18.31
CA LYS A 259 29.05 -6.30 -17.72
C LYS A 259 28.46 -7.13 -16.60
N TYR A 260 27.90 -6.46 -15.58
CA TYR A 260 27.37 -7.14 -14.41
C TYR A 260 25.89 -6.77 -14.24
N LEU A 261 25.16 -7.65 -13.55
CA LEU A 261 23.76 -7.43 -13.22
C LEU A 261 23.55 -7.86 -11.78
N LEU A 262 23.20 -6.88 -10.93
CA LEU A 262 23.15 -7.10 -9.49
C LEU A 262 21.70 -7.27 -9.04
N LYS A 263 21.50 -8.20 -8.11
CA LYS A 263 20.23 -8.40 -7.44
C LYS A 263 20.32 -7.73 -6.07
N LEU A 264 19.52 -6.68 -5.87
CA LEU A 264 19.67 -5.80 -4.73
C LEU A 264 18.48 -5.95 -3.79
N LYS A 265 18.78 -6.04 -2.49
CA LYS A 265 17.76 -6.05 -1.44
C LYS A 265 17.70 -4.66 -0.81
N PHE A 266 16.52 -4.04 -0.91
CA PHE A 266 16.29 -2.73 -0.32
C PHE A 266 15.76 -2.89 1.10
N ASN A 267 16.51 -2.37 2.08
CA ASN A 267 16.18 -2.48 3.48
C ASN A 267 15.69 -1.12 4.00
N PHE A 268 14.40 -0.85 3.79
CA PHE A 268 13.79 0.44 4.09
C PHE A 268 13.82 0.70 5.60
N LYS A 269 13.94 1.98 5.97
CA LYS A 269 14.13 2.37 7.35
C LYS A 269 12.78 2.79 7.93
N SER B 24 -15.03 34.20 -40.69
CA SER B 24 -15.15 33.77 -39.27
C SER B 24 -15.41 34.99 -38.37
N LYS B 25 -16.38 34.84 -37.47
CA LYS B 25 -16.73 35.90 -36.52
C LYS B 25 -16.27 35.48 -35.13
N LEU B 26 -15.08 34.86 -35.07
CA LEU B 26 -14.51 34.34 -33.83
C LEU B 26 -13.23 35.11 -33.52
N PRO B 27 -12.92 35.42 -32.24
CA PRO B 27 -11.65 36.05 -31.89
C PRO B 27 -10.48 35.35 -32.55
N LYS B 28 -9.45 36.12 -32.92
CA LYS B 28 -8.29 35.60 -33.63
C LYS B 28 -7.69 34.41 -32.88
N PRO B 29 -7.50 34.46 -31.54
CA PRO B 29 -6.83 33.37 -30.81
C PRO B 29 -7.55 32.04 -30.97
N VAL B 30 -8.88 32.10 -31.12
CA VAL B 30 -9.70 30.91 -31.26
C VAL B 30 -9.40 30.26 -32.62
N GLN B 31 -9.42 31.07 -33.67
CA GLN B 31 -9.22 30.58 -35.03
C GLN B 31 -7.86 29.88 -35.14
N ASP B 32 -6.84 30.46 -34.50
CA ASP B 32 -5.52 29.86 -34.42
C ASP B 32 -5.64 28.46 -33.82
N LEU B 33 -6.34 28.38 -32.69
CA LEU B 33 -6.57 27.13 -31.98
C LEU B 33 -7.21 26.09 -32.90
N ILE B 34 -8.21 26.50 -33.69
CA ILE B 34 -8.97 25.57 -34.52
C ILE B 34 -8.01 24.86 -35.48
N LYS B 35 -7.16 25.62 -36.19
CA LYS B 35 -6.23 25.04 -37.15
C LYS B 35 -5.22 24.15 -36.42
N MET B 36 -4.75 24.61 -35.25
CA MET B 36 -3.77 23.87 -34.48
C MET B 36 -4.29 22.46 -34.23
N ILE B 37 -5.59 22.37 -33.92
CA ILE B 37 -6.24 21.09 -33.62
C ILE B 37 -6.38 20.27 -34.91
N PHE B 38 -6.94 20.88 -35.95
CA PHE B 38 -7.19 20.19 -37.21
C PHE B 38 -5.95 20.28 -38.11
N PRO B 48 -11.70 24.64 -43.83
CA PRO B 48 -12.77 25.56 -43.44
C PRO B 48 -12.93 25.59 -41.91
N ILE B 49 -12.86 26.81 -41.34
CA ILE B 49 -12.71 26.96 -39.90
C ILE B 49 -14.08 26.85 -39.21
N ASP B 50 -15.03 27.68 -39.64
CA ASP B 50 -16.33 27.79 -38.98
C ASP B 50 -17.02 26.44 -38.94
N VAL B 51 -16.82 25.60 -39.97
CA VAL B 51 -17.39 24.27 -40.03
C VAL B 51 -16.78 23.41 -38.92
N ASN B 52 -15.49 23.63 -38.63
CA ASN B 52 -14.74 22.80 -37.71
C ASN B 52 -15.06 23.15 -36.25
N TYR B 53 -15.49 24.39 -36.00
CA TYR B 53 -15.91 24.82 -34.66
C TYR B 53 -17.23 24.14 -34.29
N GLU B 54 -18.09 23.94 -35.30
CA GLU B 54 -19.38 23.28 -35.12
C GLU B 54 -19.17 21.80 -34.80
N LYS B 55 -18.04 21.24 -35.26
CA LYS B 55 -17.74 19.83 -35.07
C LYS B 55 -17.19 19.56 -33.67
N LEU B 56 -16.61 20.59 -33.04
CA LEU B 56 -16.09 20.46 -31.69
C LEU B 56 -17.24 20.37 -30.68
N LYS B 57 -18.43 20.86 -31.06
CA LYS B 57 -19.61 20.77 -30.22
C LYS B 57 -19.30 21.44 -28.88
N THR B 58 -18.53 22.54 -28.94
CA THR B 58 -18.00 23.19 -27.74
C THR B 58 -18.12 24.71 -27.90
N ASP B 59 -18.42 25.39 -26.80
CA ASP B 59 -18.47 26.84 -26.76
C ASP B 59 -17.15 27.35 -26.19
N ILE B 60 -16.30 27.90 -27.07
CA ILE B 60 -14.95 28.32 -26.70
C ILE B 60 -14.93 29.85 -26.65
N LYS B 61 -14.47 30.40 -25.52
CA LYS B 61 -14.41 31.83 -25.30
C LYS B 61 -13.02 32.19 -24.77
N VAL B 62 -12.52 33.36 -25.18
CA VAL B 62 -11.20 33.82 -24.75
C VAL B 62 -11.36 34.52 -23.39
N VAL B 63 -10.55 34.07 -22.42
CA VAL B 63 -10.55 34.63 -21.08
C VAL B 63 -9.66 35.87 -21.09
N ASP B 64 -10.20 36.99 -20.61
CA ASP B 64 -9.47 38.25 -20.58
C ASP B 64 -8.18 38.08 -19.79
N ARG B 65 -7.09 38.64 -20.31
CA ARG B 65 -5.76 38.45 -19.74
C ARG B 65 -5.66 39.13 -18.37
N ASP B 66 -6.46 40.18 -18.16
CA ASP B 66 -6.38 40.97 -16.93
C ASP B 66 -7.44 40.54 -15.93
N SER B 67 -8.22 39.50 -16.26
CA SER B 67 -9.33 39.06 -15.41
C SER B 67 -8.80 38.35 -14.18
N GLU B 68 -9.70 38.09 -13.22
CA GLU B 68 -9.37 37.35 -12.02
C GLU B 68 -9.08 35.89 -12.38
N GLU B 69 -9.87 35.34 -13.32
CA GLU B 69 -9.68 33.96 -13.77
C GLU B 69 -8.25 33.76 -14.25
N ALA B 70 -7.80 34.63 -15.16
CA ALA B 70 -6.50 34.52 -15.80
C ALA B 70 -5.39 34.67 -14.78
N GLU B 71 -5.52 35.68 -13.90
CA GLU B 71 -4.56 35.92 -12.84
C GLU B 71 -4.41 34.66 -11.96
N ILE B 72 -5.54 33.99 -11.70
CA ILE B 72 -5.56 32.77 -10.91
C ILE B 72 -4.88 31.64 -11.69
N ILE B 73 -5.31 31.46 -12.95
CA ILE B 73 -4.87 30.34 -13.76
C ILE B 73 -3.37 30.43 -13.99
N ARG B 74 -2.84 31.63 -14.25
CA ARG B 74 -1.42 31.81 -14.47
C ARG B 74 -0.64 31.58 -13.18
N LYS B 75 -1.26 31.90 -12.04
CA LYS B 75 -0.64 31.68 -10.74
C LYS B 75 -0.57 30.18 -10.44
N TYR B 76 -1.57 29.43 -10.91
CA TYR B 76 -1.58 27.99 -10.80
C TYR B 76 -0.38 27.43 -11.57
N VAL B 77 -0.23 27.89 -12.82
CA VAL B 77 0.77 27.39 -13.74
C VAL B 77 2.18 27.74 -13.24
N LYS B 78 2.33 28.91 -12.60
CA LYS B 78 3.64 29.32 -12.11
C LYS B 78 4.08 28.43 -10.96
N ASN B 79 3.22 28.30 -9.94
CA ASN B 79 3.62 27.75 -8.66
C ASN B 79 3.78 26.23 -8.74
N THR B 80 3.01 25.57 -9.61
CA THR B 80 2.96 24.12 -9.63
C THR B 80 3.90 23.56 -10.70
N HIS B 81 4.71 24.42 -11.33
CA HIS B 81 5.76 24.00 -12.23
C HIS B 81 6.97 23.66 -11.35
N ALA B 82 7.44 22.41 -11.45
CA ALA B 82 8.70 22.02 -10.83
C ALA B 82 9.89 22.48 -11.68
N THR B 83 10.17 23.78 -11.61
CA THR B 83 11.15 24.46 -12.44
C THR B 83 12.57 24.00 -12.09
N THR B 84 12.80 23.68 -10.82
CA THR B 84 14.09 23.16 -10.35
C THR B 84 14.48 21.89 -11.10
N HIS B 85 13.47 21.08 -11.47
CA HIS B 85 13.69 19.82 -12.18
C HIS B 85 12.98 19.85 -13.53
N ASN B 86 13.06 20.98 -14.26
CA ASN B 86 12.39 21.11 -15.55
C ASN B 86 13.30 21.80 -16.57
N ALA B 87 13.56 21.10 -17.69
CA ALA B 87 14.31 21.67 -18.81
C ALA B 87 13.37 22.49 -19.71
N TYR B 88 12.41 23.18 -19.12
CA TYR B 88 11.68 24.22 -19.81
C TYR B 88 10.95 25.11 -18.81
N ASP B 89 10.63 26.34 -19.26
CA ASP B 89 9.66 27.17 -18.59
C ASP B 89 8.38 27.13 -19.42
N LEU B 90 7.26 27.51 -18.78
CA LEU B 90 5.99 27.60 -19.48
C LEU B 90 5.53 29.06 -19.52
N GLU B 91 4.99 29.45 -20.67
CA GLU B 91 4.37 30.76 -20.82
C GLU B 91 2.97 30.56 -21.39
N VAL B 92 1.99 31.22 -20.78
CA VAL B 92 0.60 31.06 -21.16
C VAL B 92 0.30 32.05 -22.29
N ILE B 93 -0.02 31.50 -23.47
CA ILE B 93 -0.28 32.30 -24.65
C ILE B 93 -1.74 32.74 -24.66
N ASP B 94 -2.64 31.76 -24.49
CA ASP B 94 -4.07 32.00 -24.52
C ASP B 94 -4.76 31.11 -23.49
N ILE B 95 -5.86 31.62 -22.92
CA ILE B 95 -6.70 30.88 -22.00
C ILE B 95 -8.11 30.84 -22.56
N PHE B 96 -8.66 29.64 -22.76
CA PHE B 96 -9.98 29.48 -23.33
C PHE B 96 -10.93 28.92 -22.28
N LYS B 97 -12.16 29.47 -22.24
CA LYS B 97 -13.20 28.98 -21.35
C LYS B 97 -14.13 28.06 -22.14
N ILE B 98 -13.78 26.77 -22.16
CA ILE B 98 -14.52 25.78 -22.91
C ILE B 98 -15.75 25.34 -22.12
N GLU B 99 -16.78 24.91 -22.85
CA GLU B 99 -18.06 24.51 -22.29
C GLU B 99 -18.68 23.48 -23.23
N ARG B 100 -18.33 22.20 -23.01
CA ARG B 100 -18.77 21.12 -23.87
C ARG B 100 -20.29 21.03 -23.89
N GLU B 101 -20.85 20.80 -25.08
CA GLU B 101 -22.28 20.61 -25.26
C GLU B 101 -22.71 19.30 -24.61
N GLY B 102 -23.59 19.42 -23.60
CA GLY B 102 -24.18 18.27 -22.94
C GLY B 102 -23.48 17.90 -21.64
N GLU B 103 -22.22 18.36 -21.47
CA GLU B 103 -21.36 17.88 -20.40
C GLU B 103 -21.86 18.42 -19.06
N CYS B 104 -22.31 19.68 -19.06
CA CYS B 104 -22.78 20.35 -17.85
C CYS B 104 -23.95 19.58 -17.22
N GLN B 105 -24.88 19.13 -18.08
CA GLN B 105 -26.06 18.40 -17.65
C GLN B 105 -25.66 17.00 -17.17
N ARG B 106 -24.66 16.42 -17.84
CA ARG B 106 -24.17 15.09 -17.51
C ARG B 106 -23.51 15.09 -16.13
N TYR B 107 -22.92 16.24 -15.75
CA TYR B 107 -22.16 16.37 -14.51
C TYR B 107 -23.04 16.89 -13.38
N LYS B 108 -24.35 17.11 -13.65
CA LYS B 108 -25.25 17.66 -12.66
C LYS B 108 -25.31 16.76 -11.42
N PRO B 109 -25.36 15.42 -11.56
CA PRO B 109 -25.29 14.53 -10.40
C PRO B 109 -24.14 14.85 -9.45
N PHE B 110 -22.92 14.90 -9.98
CA PHE B 110 -21.72 15.02 -9.16
C PHE B 110 -21.41 16.49 -8.86
N LYS B 111 -22.21 17.41 -9.40
CA LYS B 111 -22.00 18.84 -9.22
C LYS B 111 -22.09 19.19 -7.75
N GLN B 112 -22.91 18.44 -7.00
CA GLN B 112 -23.14 18.69 -5.58
C GLN B 112 -22.11 17.97 -4.72
N LEU B 113 -21.40 16.99 -5.30
CA LEU B 113 -20.45 16.18 -4.56
C LEU B 113 -19.38 17.06 -3.93
N HIS B 114 -18.87 16.65 -2.77
CA HIS B 114 -17.91 17.43 -2.02
C HIS B 114 -16.52 17.25 -2.59
N ASN B 115 -15.61 18.15 -2.23
CA ASN B 115 -14.20 18.08 -2.61
C ASN B 115 -14.10 17.87 -4.13
N ARG B 116 -14.48 18.91 -4.87
CA ARG B 116 -14.24 18.98 -6.31
C ARG B 116 -13.05 19.89 -6.53
N ARG B 117 -12.09 19.44 -7.35
CA ARG B 117 -10.88 20.22 -7.63
C ARG B 117 -10.80 20.55 -9.11
N LEU B 118 -10.02 21.60 -9.40
CA LEU B 118 -9.67 21.97 -10.77
C LEU B 118 -8.26 21.45 -11.03
N LEU B 119 -8.13 20.51 -11.97
CA LEU B 119 -6.90 19.76 -12.13
C LEU B 119 -6.46 19.73 -13.60
N TRP B 120 -5.16 19.46 -13.78
CA TRP B 120 -4.50 19.47 -15.08
C TRP B 120 -4.72 18.13 -15.78
N HIS B 121 -4.99 18.20 -17.10
CA HIS B 121 -4.91 17.04 -17.96
C HIS B 121 -4.26 17.43 -19.28
N GLY B 122 -3.06 16.90 -19.52
CA GLY B 122 -2.32 17.16 -20.75
C GLY B 122 -2.43 16.00 -21.72
N SER B 123 -2.40 16.32 -23.03
CA SER B 123 -2.52 15.33 -24.08
C SER B 123 -1.90 15.88 -25.36
N ARG B 124 -1.59 14.97 -26.28
CA ARG B 124 -1.13 15.31 -27.61
C ARG B 124 -2.17 16.21 -28.29
N THR B 125 -1.69 17.16 -29.10
CA THR B 125 -2.56 18.12 -29.77
C THR B 125 -3.49 17.42 -30.75
N THR B 126 -3.05 16.27 -31.29
CA THR B 126 -3.81 15.51 -32.26
C THR B 126 -5.13 15.03 -31.65
N ASN B 127 -5.12 14.76 -30.34
CA ASN B 127 -6.26 14.16 -29.66
C ASN B 127 -7.40 15.16 -29.43
N PHE B 128 -7.05 16.43 -29.21
CA PHE B 128 -8.01 17.40 -28.70
C PHE B 128 -9.23 17.55 -29.61
N ALA B 129 -9.13 17.12 -30.87
CA ALA B 129 -10.29 17.06 -31.74
C ALA B 129 -11.37 16.19 -31.11
N GLY B 130 -10.98 15.00 -30.66
CA GLY B 130 -11.87 14.05 -30.00
C GLY B 130 -12.24 14.48 -28.59
N ILE B 131 -11.25 15.00 -27.85
CA ILE B 131 -11.43 15.33 -26.44
C ILE B 131 -12.48 16.41 -26.28
N LEU B 132 -12.53 17.37 -27.22
CA LEU B 132 -13.46 18.48 -27.12
C LEU B 132 -14.85 18.05 -27.61
N SER B 133 -14.89 17.16 -28.62
CA SER B 133 -16.16 16.71 -29.16
C SER B 133 -16.80 15.67 -28.24
N GLN B 134 -16.03 14.65 -27.85
CA GLN B 134 -16.54 13.50 -27.12
C GLN B 134 -16.29 13.62 -25.61
N GLY B 135 -15.45 14.59 -25.20
CA GLY B 135 -15.03 14.69 -23.81
C GLY B 135 -13.89 13.71 -23.51
N LEU B 136 -13.31 13.84 -22.31
CA LEU B 136 -12.30 12.89 -21.85
C LEU B 136 -12.98 11.54 -21.62
N ARG B 137 -12.43 10.50 -22.26
CA ARG B 137 -13.03 9.17 -22.21
C ARG B 137 -12.03 8.19 -21.61
N ILE B 138 -12.58 7.07 -21.12
CA ILE B 138 -11.78 5.98 -20.57
C ILE B 138 -11.20 5.22 -21.76
N ALA B 139 -10.00 4.65 -21.61
CA ALA B 139 -9.59 3.60 -22.52
C ALA B 139 -10.59 2.45 -22.38
N PRO B 140 -11.11 1.86 -23.48
CA PRO B 140 -12.29 0.99 -23.40
C PRO B 140 -12.01 -0.32 -22.66
N PRO B 141 -13.07 -1.11 -22.30
CA PRO B 141 -12.88 -2.40 -21.65
C PRO B 141 -12.00 -3.39 -22.42
N GLU B 142 -12.09 -3.37 -23.75
CA GLU B 142 -11.44 -4.35 -24.60
C GLU B 142 -9.93 -4.12 -24.64
N ALA B 143 -9.51 -2.86 -24.40
CA ALA B 143 -8.11 -2.48 -24.43
C ALA B 143 -7.29 -3.30 -23.43
N PRO B 144 -5.94 -3.35 -23.57
CA PRO B 144 -5.08 -4.00 -22.58
C PRO B 144 -4.78 -3.09 -21.39
N VAL B 145 -4.75 -3.68 -20.19
CA VAL B 145 -4.92 -2.95 -18.94
C VAL B 145 -3.56 -2.61 -18.31
N THR B 146 -2.49 -3.26 -18.76
CA THR B 146 -1.26 -3.42 -17.99
C THR B 146 -0.51 -2.10 -17.83
N GLY B 147 -0.67 -1.17 -18.78
CA GLY B 147 0.16 0.03 -18.85
C GLY B 147 -0.13 1.05 -17.75
N TYR B 148 -1.29 0.93 -17.10
CA TYR B 148 -1.79 1.97 -16.20
C TYR B 148 -1.23 1.77 -14.79
N MET B 149 -1.10 2.88 -14.06
CA MET B 149 -0.68 2.88 -12.67
C MET B 149 -1.86 2.43 -11.79
N PHE B 150 -2.98 3.15 -11.91
CA PHE B 150 -4.17 2.94 -11.11
C PHE B 150 -5.35 2.54 -11.99
N GLY B 151 -5.09 1.62 -12.93
CA GLY B 151 -6.13 1.04 -13.75
C GLY B 151 -6.66 2.02 -14.81
N LYS B 152 -7.58 1.54 -15.63
CA LYS B 152 -8.13 2.34 -16.72
C LYS B 152 -9.10 3.37 -16.15
N GLY B 153 -8.64 4.62 -16.04
CA GLY B 153 -9.51 5.73 -15.72
C GLY B 153 -9.01 7.02 -16.39
N ILE B 154 -9.57 8.14 -15.95
CA ILE B 154 -9.16 9.45 -16.42
C ILE B 154 -8.22 10.05 -15.37
N TYR B 155 -6.96 10.25 -15.77
CA TYR B 155 -5.93 10.71 -14.85
C TYR B 155 -5.87 12.23 -14.86
N PHE B 156 -5.51 12.81 -13.71
CA PHE B 156 -5.31 14.24 -13.58
C PHE B 156 -4.10 14.50 -12.67
N ALA B 157 -3.65 15.76 -12.64
CA ALA B 157 -2.54 16.17 -11.80
C ALA B 157 -2.83 17.56 -11.23
N ASP B 158 -2.20 17.85 -10.09
CA ASP B 158 -2.31 19.18 -9.47
C ASP B 158 -1.01 19.95 -9.72
N MET B 159 -0.06 19.32 -10.45
CA MET B 159 1.19 19.96 -10.82
C MET B 159 1.22 20.08 -12.35
N VAL B 160 1.34 21.31 -12.85
CA VAL B 160 1.23 21.59 -14.28
C VAL B 160 2.33 20.84 -15.04
N SER B 161 3.55 20.81 -14.48
CA SER B 161 4.69 20.24 -15.17
C SER B 161 4.53 18.74 -15.40
N LYS B 162 3.71 18.06 -14.56
CA LYS B 162 3.46 16.64 -14.74
C LYS B 162 2.62 16.42 -15.99
N SER B 163 1.47 17.13 -16.05
CA SER B 163 0.55 17.02 -17.18
C SER B 163 1.18 17.57 -18.45
N ALA B 164 1.93 18.66 -18.32
CA ALA B 164 2.58 19.30 -19.46
C ALA B 164 3.35 18.28 -20.30
N ASN B 165 4.00 17.34 -19.61
CA ASN B 165 4.88 16.36 -20.26
C ASN B 165 4.10 15.44 -21.19
N TYR B 166 2.76 15.41 -21.09
CA TYR B 166 1.94 14.52 -21.91
C TYR B 166 1.46 15.26 -23.16
N CYS B 167 1.78 16.56 -23.26
CA CYS B 167 1.54 17.32 -24.49
C CYS B 167 2.48 16.86 -25.59
N HIS B 168 3.66 16.33 -25.19
CA HIS B 168 4.64 15.78 -26.12
C HIS B 168 5.14 16.87 -27.06
N THR B 169 5.28 18.09 -26.54
CA THR B 169 5.90 19.18 -27.28
C THR B 169 7.39 18.92 -27.36
N SER B 170 8.04 19.46 -28.39
CA SER B 170 9.45 19.26 -28.65
C SER B 170 10.08 20.58 -29.10
N GLN B 171 11.38 20.54 -29.39
CA GLN B 171 12.13 21.73 -29.79
C GLN B 171 11.47 22.38 -31.01
N GLY B 172 11.18 21.55 -32.03
CA GLY B 172 10.64 22.03 -33.29
C GLY B 172 9.12 22.10 -33.32
N ASP B 173 8.47 21.88 -32.17
CA ASP B 173 7.03 22.04 -32.07
C ASP B 173 6.69 22.35 -30.60
N PRO B 174 6.98 23.58 -30.13
CA PRO B 174 6.94 23.91 -28.70
C PRO B 174 5.64 24.52 -28.17
N ILE B 175 4.52 24.27 -28.86
CA ILE B 175 3.22 24.74 -28.39
C ILE B 175 2.33 23.53 -28.11
N GLY B 176 1.93 23.41 -26.83
CA GLY B 176 1.04 22.35 -26.40
C GLY B 176 -0.34 22.88 -26.03
N LEU B 177 -1.28 21.96 -25.82
CA LEU B 177 -2.59 22.24 -25.26
C LEU B 177 -2.78 21.41 -23.99
N ILE B 178 -3.39 22.03 -22.97
CA ILE B 178 -3.54 21.42 -21.66
C ILE B 178 -4.90 21.82 -21.09
N LEU B 179 -5.58 20.88 -20.43
CA LEU B 179 -6.93 21.09 -19.93
C LEU B 179 -6.89 21.40 -18.44
N LEU B 180 -7.87 22.19 -17.99
CA LEU B 180 -8.23 22.29 -16.59
C LEU B 180 -9.65 21.76 -16.43
N GLY B 181 -9.77 20.59 -15.80
CA GLY B 181 -11.07 19.99 -15.55
C GLY B 181 -11.52 20.22 -14.12
N GLU B 182 -12.81 20.54 -13.94
CA GLU B 182 -13.45 20.40 -12.65
C GLU B 182 -13.69 18.91 -12.44
N VAL B 183 -13.00 18.32 -11.46
CA VAL B 183 -13.07 16.89 -11.22
C VAL B 183 -13.81 16.64 -9.90
N ALA B 184 -14.95 15.95 -9.97
CA ALA B 184 -15.73 15.61 -8.79
C ALA B 184 -15.13 14.39 -8.10
N LEU B 185 -14.23 14.64 -7.14
CA LEU B 185 -13.41 13.59 -6.55
C LEU B 185 -14.17 12.90 -5.42
N GLY B 186 -14.78 13.69 -4.53
CA GLY B 186 -15.52 13.14 -3.41
C GLY B 186 -14.59 12.54 -2.37
N ASN B 187 -14.89 11.30 -1.95
CA ASN B 187 -14.03 10.58 -1.03
C ASN B 187 -12.97 9.84 -1.84
N MET B 188 -11.71 10.15 -1.54
CA MET B 188 -10.61 9.64 -2.33
C MET B 188 -10.11 8.33 -1.72
N TYR B 189 -9.74 7.38 -2.57
CA TYR B 189 -8.98 6.21 -2.14
C TYR B 189 -7.50 6.51 -2.34
N GLU B 190 -6.84 6.93 -1.25
CA GLU B 190 -5.49 7.48 -1.31
C GLU B 190 -4.45 6.37 -1.23
N LEU B 191 -3.87 6.02 -2.38
CA LEU B 191 -2.89 4.94 -2.50
C LEU B 191 -1.47 5.50 -2.63
N LYS B 192 -0.48 4.69 -2.23
CA LYS B 192 0.92 5.09 -2.23
C LYS B 192 1.70 4.33 -3.30
N HIS B 193 1.10 3.30 -3.90
CA HIS B 193 1.81 2.50 -4.90
CA HIS B 193 1.82 2.52 -4.91
C HIS B 193 0.82 1.99 -5.93
N ALA B 194 1.24 1.97 -7.21
CA ALA B 194 0.41 1.55 -8.31
C ALA B 194 -0.28 0.24 -7.96
N SER B 195 -1.61 0.22 -8.05
CA SER B 195 -2.40 -0.98 -7.93
C SER B 195 -3.45 -0.97 -9.04
N HIS B 196 -3.58 -2.08 -9.78
CA HIS B 196 -4.51 -2.14 -10.90
C HIS B 196 -5.93 -2.28 -10.37
N ILE B 197 -6.65 -1.15 -10.30
CA ILE B 197 -7.97 -1.12 -9.68
C ILE B 197 -9.03 -1.29 -10.77
N SER B 198 -10.05 -2.12 -10.46
CA SER B 198 -11.22 -2.28 -11.31
C SER B 198 -12.50 -2.02 -10.51
N LYS B 199 -12.36 -1.70 -9.21
CA LYS B 199 -13.51 -1.39 -8.37
C LYS B 199 -13.03 -0.56 -7.18
N LEU B 200 -13.71 0.57 -6.93
CA LEU B 200 -13.43 1.41 -5.80
C LEU B 200 -14.05 0.79 -4.55
N PRO B 201 -13.43 0.92 -3.36
CA PRO B 201 -14.11 0.56 -2.10
C PRO B 201 -15.36 1.40 -1.91
N LYS B 202 -16.32 0.88 -1.13
CA LYS B 202 -17.62 1.53 -1.02
C LYS B 202 -17.48 2.80 -0.18
N GLY B 203 -18.10 3.89 -0.66
CA GLY B 203 -17.90 5.22 -0.11
C GLY B 203 -16.94 6.06 -0.94
N LYS B 204 -16.15 5.42 -1.81
CA LYS B 204 -15.10 6.09 -2.57
C LYS B 204 -15.58 6.34 -3.99
N HIS B 205 -15.24 7.51 -4.55
CA HIS B 205 -15.60 7.87 -5.91
C HIS B 205 -14.38 8.21 -6.76
N SER B 206 -13.18 8.19 -6.16
CA SER B 206 -11.97 8.58 -6.87
C SER B 206 -10.75 7.94 -6.20
N VAL B 207 -9.65 7.86 -6.95
CA VAL B 207 -8.37 7.43 -6.43
C VAL B 207 -7.44 8.64 -6.42
N LYS B 208 -6.56 8.69 -5.40
CA LYS B 208 -5.51 9.68 -5.36
C LYS B 208 -4.18 8.98 -5.10
N GLY B 209 -3.28 9.03 -6.09
CA GLY B 209 -1.88 8.66 -5.89
C GLY B 209 -1.16 9.74 -5.09
N LEU B 210 -0.68 9.37 -3.90
CA LEU B 210 -0.04 10.32 -3.01
C LEU B 210 1.43 10.51 -3.43
N GLY B 211 1.74 11.71 -3.94
CA GLY B 211 3.10 12.06 -4.32
C GLY B 211 3.94 12.46 -3.11
N LYS B 212 5.26 12.56 -3.34
CA LYS B 212 6.18 13.05 -2.33
C LYS B 212 6.12 14.57 -2.23
N THR B 213 5.68 15.22 -3.32
CA THR B 213 5.61 16.67 -3.36
C THR B 213 4.19 17.08 -3.78
N THR B 214 3.63 18.03 -3.03
CA THR B 214 2.24 18.42 -3.18
C THR B 214 2.13 19.94 -3.17
N PRO B 215 1.21 20.53 -3.96
CA PRO B 215 0.88 21.96 -3.83
C PRO B 215 0.53 22.28 -2.39
N ASP B 216 1.26 23.24 -1.81
CA ASP B 216 1.06 23.64 -0.42
C ASP B 216 -0.44 23.80 -0.17
N PRO B 217 -1.02 22.99 0.75
CA PRO B 217 -2.47 22.95 0.95
C PRO B 217 -3.05 24.16 1.70
N SER B 218 -2.19 24.87 2.45
CA SER B 218 -2.62 26.05 3.17
C SER B 218 -2.75 27.25 2.23
N ALA B 219 -2.27 27.10 0.99
CA ALA B 219 -2.31 28.17 0.00
C ALA B 219 -3.29 27.82 -1.12
N ASN B 220 -4.36 27.09 -0.80
CA ASN B 220 -5.41 26.79 -1.76
C ASN B 220 -6.40 27.94 -1.80
N ILE B 221 -7.12 28.06 -2.94
CA ILE B 221 -8.16 29.06 -3.11
C ILE B 221 -9.35 28.39 -3.80
N SER B 222 -10.54 28.99 -3.64
CA SER B 222 -11.77 28.41 -4.16
C SER B 222 -12.34 29.27 -5.29
N LEU B 223 -12.18 28.80 -6.53
CA LEU B 223 -12.71 29.47 -7.72
C LEU B 223 -14.08 28.88 -8.04
N ASP B 224 -15.11 29.73 -8.04
CA ASP B 224 -16.50 29.31 -8.03
C ASP B 224 -16.71 28.37 -6.84
N GLY B 225 -17.11 27.13 -7.09
CA GLY B 225 -17.33 26.17 -6.01
C GLY B 225 -16.16 25.19 -5.87
N VAL B 226 -15.13 25.38 -6.69
CA VAL B 226 -14.10 24.38 -6.92
C VAL B 226 -12.84 24.78 -6.15
N ASP B 227 -12.09 23.77 -5.65
CA ASP B 227 -10.81 23.98 -5.01
C ASP B 227 -9.72 24.00 -6.06
N VAL B 228 -8.75 24.91 -5.88
CA VAL B 228 -7.65 25.09 -6.82
C VAL B 228 -6.34 24.98 -6.05
N PRO B 229 -5.59 23.86 -6.17
CA PRO B 229 -4.37 23.64 -5.41
C PRO B 229 -3.16 24.30 -6.06
N LEU B 230 -3.05 25.62 -5.90
CA LEU B 230 -2.10 26.40 -6.68
C LEU B 230 -0.93 26.88 -5.83
N GLY B 231 -0.78 26.30 -4.63
CA GLY B 231 0.37 26.60 -3.79
C GLY B 231 1.65 26.03 -4.39
N THR B 232 2.79 26.54 -3.94
CA THR B 232 4.09 26.05 -4.38
C THR B 232 4.28 24.63 -3.85
N GLY B 233 5.10 23.84 -4.56
CA GLY B 233 5.34 22.47 -4.17
C GLY B 233 6.15 22.38 -2.87
N ILE B 234 5.63 21.62 -1.91
CA ILE B 234 6.34 21.29 -0.68
C ILE B 234 6.27 19.78 -0.47
N SER B 235 7.16 19.27 0.39
CA SER B 235 7.16 17.86 0.75
C SER B 235 5.85 17.50 1.45
N SER B 236 5.19 16.44 0.95
CA SER B 236 3.84 16.09 1.38
C SER B 236 3.85 15.48 2.79
N GLY B 237 5.02 14.94 3.19
CA GLY B 237 5.15 14.25 4.47
C GLY B 237 4.74 12.79 4.40
N VAL B 238 4.47 12.31 3.16
CA VAL B 238 4.07 10.93 2.95
C VAL B 238 5.32 10.07 2.74
N ASN B 239 5.49 9.08 3.61
CA ASN B 239 6.64 8.19 3.59
C ASN B 239 6.28 6.95 2.79
N ASP B 240 7.24 6.47 1.99
CA ASP B 240 7.11 5.20 1.30
C ASP B 240 5.96 5.29 0.31
N THR B 241 6.00 6.34 -0.52
CA THR B 241 5.23 6.37 -1.76
C THR B 241 6.21 6.39 -2.93
N SER B 242 5.75 5.86 -4.07
CA SER B 242 6.59 5.67 -5.24
C SER B 242 6.48 6.85 -6.21
N LEU B 243 5.50 7.75 -5.97
CA LEU B 243 5.19 8.85 -6.87
C LEU B 243 5.90 10.11 -6.41
N LEU B 244 6.27 10.95 -7.38
CA LEU B 244 6.91 12.23 -7.12
C LEU B 244 5.85 13.31 -6.89
N TYR B 245 4.76 13.23 -7.68
CA TYR B 245 3.66 14.17 -7.61
C TYR B 245 2.35 13.40 -7.45
N ASN B 246 1.33 14.09 -6.94
CA ASN B 246 0.02 13.48 -6.79
C ASN B 246 -0.55 13.21 -8.17
N GLU B 247 -1.54 12.31 -8.21
CA GLU B 247 -2.37 12.16 -9.39
C GLU B 247 -3.75 11.69 -8.96
N TYR B 248 -4.72 11.93 -9.83
CA TYR B 248 -6.12 11.73 -9.51
C TYR B 248 -6.76 10.93 -10.64
N ILE B 249 -7.53 9.90 -10.27
CA ILE B 249 -8.17 9.03 -11.25
C ILE B 249 -9.66 8.95 -10.93
N VAL B 250 -10.49 9.00 -11.98
CA VAL B 250 -11.92 8.81 -11.86
C VAL B 250 -12.37 7.79 -12.92
N TYR B 251 -13.36 6.96 -12.57
CA TYR B 251 -13.70 5.80 -13.37
C TYR B 251 -15.08 5.94 -14.01
N ASP B 252 -15.69 7.13 -13.86
CA ASP B 252 -16.89 7.51 -14.59
C ASP B 252 -16.60 8.81 -15.32
N ILE B 253 -16.90 8.83 -16.64
CA ILE B 253 -16.63 9.99 -17.48
C ILE B 253 -17.43 11.19 -17.01
N ALA B 254 -18.56 10.94 -16.34
CA ALA B 254 -19.49 11.99 -15.97
C ALA B 254 -18.93 12.86 -14.84
N GLN B 255 -17.88 12.37 -14.16
CA GLN B 255 -17.33 13.07 -13.00
C GLN B 255 -16.42 14.22 -13.43
N VAL B 256 -16.19 14.37 -14.74
CA VAL B 256 -15.30 15.38 -15.28
C VAL B 256 -16.12 16.47 -15.96
N ASN B 257 -15.80 17.73 -15.63
CA ASN B 257 -16.38 18.88 -16.29
C ASN B 257 -15.24 19.77 -16.75
N LEU B 258 -15.01 19.83 -18.07
CA LEU B 258 -13.93 20.61 -18.64
C LEU B 258 -14.30 22.09 -18.54
N LYS B 259 -13.37 22.90 -18.02
CA LYS B 259 -13.61 24.31 -17.74
C LYS B 259 -12.77 25.19 -18.65
N TYR B 260 -11.44 25.04 -18.57
CA TYR B 260 -10.52 25.88 -19.30
C TYR B 260 -9.63 25.01 -20.20
N LEU B 261 -9.09 25.64 -21.24
CA LEU B 261 -8.16 25.00 -22.18
C LEU B 261 -7.04 25.99 -22.48
N LEU B 262 -5.82 25.65 -22.06
CA LEU B 262 -4.70 26.57 -22.11
C LEU B 262 -3.80 26.23 -23.30
N LYS B 263 -3.30 27.28 -23.96
CA LYS B 263 -2.32 27.17 -25.02
C LYS B 263 -0.97 27.53 -24.42
N LEU B 264 -0.05 26.55 -24.35
CA LEU B 264 1.18 26.68 -23.58
C LEU B 264 2.37 26.73 -24.53
N LYS B 265 3.28 27.67 -24.26
CA LYS B 265 4.55 27.79 -24.95
C LYS B 265 5.64 27.18 -24.07
N PHE B 266 6.30 26.13 -24.59
CA PHE B 266 7.40 25.49 -23.91
C PHE B 266 8.72 26.15 -24.30
N ASN B 267 9.41 26.72 -23.30
CA ASN B 267 10.65 27.43 -23.53
C ASN B 267 11.81 26.60 -23.00
N PHE B 268 12.28 25.66 -23.85
CA PHE B 268 13.29 24.69 -23.49
C PHE B 268 14.62 25.40 -23.21
N LYS B 269 15.43 24.81 -22.33
CA LYS B 269 16.81 25.21 -22.14
C LYS B 269 17.71 24.41 -23.09
N LEU C 26 -29.34 11.99 43.48
CA LEU C 26 -28.79 11.56 42.16
C LEU C 26 -29.56 10.32 41.70
N PRO C 27 -29.96 10.24 40.41
CA PRO C 27 -30.71 9.08 39.92
C PRO C 27 -30.03 7.77 40.31
N LYS C 28 -30.85 6.74 40.59
CA LYS C 28 -30.34 5.46 41.07
C LYS C 28 -29.27 4.93 40.11
N PRO C 29 -29.48 4.95 38.76
CA PRO C 29 -28.52 4.32 37.84
C PRO C 29 -27.13 4.93 37.94
N VAL C 30 -27.08 6.23 38.28
CA VAL C 30 -25.82 6.94 38.40
C VAL C 30 -25.06 6.40 39.61
N GLN C 31 -25.75 6.31 40.75
CA GLN C 31 -25.13 5.89 41.99
C GLN C 31 -24.53 4.49 41.83
N ASP C 32 -25.26 3.62 41.13
CA ASP C 32 -24.77 2.28 40.79
C ASP C 32 -23.44 2.40 40.06
N LEU C 33 -23.42 3.25 39.03
CA LEU C 33 -22.24 3.50 38.22
C LEU C 33 -21.06 3.92 39.09
N ILE C 34 -21.30 4.82 40.05
CA ILE C 34 -20.23 5.38 40.87
C ILE C 34 -19.50 4.26 41.61
N LYS C 35 -20.25 3.37 42.27
CA LYS C 35 -19.65 2.28 43.01
C LYS C 35 -18.93 1.33 42.06
N MET C 36 -19.55 1.05 40.90
CA MET C 36 -18.97 0.16 39.92
C MET C 36 -17.56 0.62 39.59
N ILE C 37 -17.39 1.95 39.44
CA ILE C 37 -16.10 2.54 39.11
C ILE C 37 -15.15 2.44 40.29
N PHE C 38 -15.60 2.88 41.47
CA PHE C 38 -14.76 2.91 42.67
C PHE C 38 -14.87 1.56 43.39
N PRO C 48 -18.25 6.54 50.26
CA PRO C 48 -19.10 7.72 50.14
C PRO C 48 -19.25 8.15 48.69
N ILE C 49 -20.51 8.26 48.23
CA ILE C 49 -20.80 8.37 46.81
C ILE C 49 -20.67 9.82 46.35
N ASP C 50 -21.36 10.74 47.03
CA ASP C 50 -21.46 12.13 46.60
C ASP C 50 -20.07 12.75 46.48
N VAL C 51 -19.15 12.34 47.37
CA VAL C 51 -17.78 12.86 47.34
C VAL C 51 -17.07 12.34 46.09
N ASN C 52 -17.42 11.12 45.65
CA ASN C 52 -16.74 10.47 44.53
C ASN C 52 -17.21 11.03 43.19
N TYR C 53 -18.44 11.57 43.13
CA TYR C 53 -18.96 12.20 41.93
C TYR C 53 -18.23 13.53 41.68
N GLU C 54 -17.87 14.22 42.77
CA GLU C 54 -17.15 15.48 42.71
C GLU C 54 -15.73 15.25 42.19
N LYS C 55 -15.19 14.04 42.44
CA LYS C 55 -13.83 13.69 42.05
C LYS C 55 -13.75 13.36 40.56
N LEU C 56 -14.87 12.93 39.96
CA LEU C 56 -14.91 12.61 38.55
C LEU C 56 -14.84 13.89 37.71
N LYS C 57 -15.21 15.02 38.30
CA LYS C 57 -15.15 16.32 37.65
C LYS C 57 -15.97 16.25 36.35
N THR C 58 -17.10 15.52 36.43
CA THR C 58 -17.90 15.21 35.25
C THR C 58 -19.38 15.38 35.60
N ASP C 59 -20.15 15.87 34.63
CA ASP C 59 -21.58 16.02 34.76
C ASP C 59 -22.26 14.83 34.07
N ILE C 60 -22.77 13.89 34.88
CA ILE C 60 -23.34 12.64 34.38
C ILE C 60 -24.85 12.72 34.48
N LYS C 61 -25.54 12.47 33.36
CA LYS C 61 -27.00 12.51 33.31
C LYS C 61 -27.50 11.25 32.64
N VAL C 62 -28.67 10.76 33.09
CA VAL C 62 -29.27 9.57 32.52
C VAL C 62 -30.09 9.97 31.29
N VAL C 63 -29.80 9.30 30.17
CA VAL C 63 -30.50 9.52 28.91
C VAL C 63 -31.78 8.71 28.93
N ASP C 64 -32.91 9.38 28.66
CA ASP C 64 -34.22 8.73 28.66
C ASP C 64 -34.21 7.56 27.69
N ARG C 65 -34.80 6.44 28.11
CA ARG C 65 -34.77 5.19 27.35
C ARG C 65 -35.57 5.33 26.06
N ASP C 66 -36.58 6.21 26.06
CA ASP C 66 -37.50 6.35 24.94
C ASP C 66 -37.09 7.53 24.04
N SER C 67 -35.97 8.19 24.36
CA SER C 67 -35.55 9.38 23.64
C SER C 67 -34.99 9.01 22.27
N GLU C 68 -34.77 10.03 21.44
CA GLU C 68 -34.18 9.86 20.13
C GLU C 68 -32.72 9.44 20.28
N GLU C 69 -32.02 10.04 21.26
CA GLU C 69 -30.62 9.71 21.52
C GLU C 69 -30.47 8.20 21.75
N ALA C 70 -31.28 7.69 22.67
CA ALA C 70 -31.19 6.30 23.11
C ALA C 70 -31.53 5.36 21.95
N GLU C 71 -32.60 5.68 21.22
CA GLU C 71 -33.02 4.90 20.07
C GLU C 71 -31.87 4.83 19.05
N ILE C 72 -31.15 5.93 18.88
CA ILE C 72 -30.02 6.00 17.97
C ILE C 72 -28.87 5.16 18.51
N ILE C 73 -28.54 5.37 19.80
CA ILE C 73 -27.37 4.75 20.40
C ILE C 73 -27.54 3.24 20.44
N ARG C 74 -28.75 2.75 20.73
CA ARG C 74 -29.01 1.33 20.77
C ARG C 74 -28.97 0.73 19.37
N LYS C 75 -29.36 1.54 18.37
CA LYS C 75 -29.31 1.11 16.97
C LYS C 75 -27.86 0.99 16.52
N TYR C 76 -26.99 1.87 17.03
CA TYR C 76 -25.57 1.80 16.77
C TYR C 76 -25.03 0.47 17.29
N VAL C 77 -25.37 0.17 18.55
CA VAL C 77 -24.85 -0.99 19.25
C VAL C 77 -25.35 -2.28 18.60
N LYS C 78 -26.59 -2.28 18.08
CA LYS C 78 -27.13 -3.48 17.47
C LYS C 78 -26.40 -3.80 16.18
N ASN C 79 -26.33 -2.80 15.29
CA ASN C 79 -25.94 -3.04 13.90
C ASN C 79 -24.44 -3.29 13.78
N THR C 80 -23.64 -2.70 14.67
CA THR C 80 -22.19 -2.73 14.53
C THR C 80 -21.57 -3.84 15.37
N HIS C 81 -22.41 -4.72 15.94
CA HIS C 81 -21.96 -5.92 16.60
C HIS C 81 -21.55 -6.94 15.54
N ALA C 82 -20.27 -7.34 15.58
CA ALA C 82 -19.61 -7.94 14.43
C ALA C 82 -19.74 -9.47 14.49
N THR C 83 -19.64 -10.08 13.30
CA THR C 83 -19.85 -11.49 13.08
C THR C 83 -18.77 -12.34 13.76
N THR C 84 -17.53 -11.83 13.79
CA THR C 84 -16.45 -12.59 14.41
C THR C 84 -16.69 -12.73 15.92
N HIS C 85 -17.42 -11.77 16.51
CA HIS C 85 -17.54 -11.65 17.96
C HIS C 85 -18.87 -12.21 18.46
N ASN C 86 -19.27 -13.39 17.96
CA ASN C 86 -20.64 -13.85 18.16
C ASN C 86 -20.77 -14.60 19.47
N ALA C 87 -19.69 -14.65 20.26
CA ALA C 87 -19.72 -15.37 21.54
C ALA C 87 -20.46 -14.58 22.63
N TYR C 88 -21.17 -13.51 22.26
CA TYR C 88 -22.07 -12.83 23.19
C TYR C 88 -22.98 -11.89 22.41
N ASP C 89 -24.12 -11.56 23.03
CA ASP C 89 -24.94 -10.43 22.62
C ASP C 89 -24.69 -9.29 23.61
N LEU C 90 -25.04 -8.07 23.20
CA LEU C 90 -24.95 -6.91 24.08
C LEU C 90 -26.35 -6.39 24.36
N GLU C 91 -26.59 -6.00 25.61
CA GLU C 91 -27.82 -5.32 26.00
C GLU C 91 -27.44 -4.06 26.75
N VAL C 92 -28.07 -2.95 26.37
CA VAL C 92 -27.77 -1.65 26.97
C VAL C 92 -28.60 -1.48 28.23
N ILE C 93 -27.92 -1.39 29.37
CA ILE C 93 -28.57 -1.28 30.67
C ILE C 93 -28.89 0.18 30.94
N ASP C 94 -27.87 1.05 30.81
CA ASP C 94 -28.03 2.47 31.06
C ASP C 94 -27.17 3.25 30.07
N ILE C 95 -27.64 4.45 29.72
CA ILE C 95 -26.94 5.37 28.85
C ILE C 95 -26.75 6.69 29.60
N PHE C 96 -25.50 7.11 29.75
CA PHE C 96 -25.17 8.33 30.48
C PHE C 96 -24.67 9.39 29.51
N LYS C 97 -25.13 10.63 29.71
CA LYS C 97 -24.66 11.77 28.93
C LYS C 97 -23.61 12.51 29.73
N ILE C 98 -22.35 12.09 29.55
CA ILE C 98 -21.23 12.64 30.29
C ILE C 98 -20.78 13.94 29.64
N GLU C 99 -20.20 14.82 30.47
CA GLU C 99 -19.76 16.15 30.06
C GLU C 99 -18.59 16.55 30.95
N ARG C 100 -17.38 16.16 30.55
CA ARG C 100 -16.18 16.41 31.33
C ARG C 100 -15.99 17.91 31.54
N GLU C 101 -15.61 18.28 32.76
CA GLU C 101 -15.36 19.68 33.11
C GLU C 101 -14.09 20.14 32.41
N GLY C 102 -14.24 21.14 31.53
CA GLY C 102 -13.12 21.77 30.85
C GLY C 102 -12.86 21.20 29.45
N GLU C 103 -13.41 20.02 29.17
CA GLU C 103 -13.12 19.30 27.93
C GLU C 103 -13.76 20.03 26.75
N CYS C 104 -14.97 20.54 26.95
CA CYS C 104 -15.73 21.22 25.91
C CYS C 104 -14.93 22.42 25.38
N GLN C 105 -14.32 23.18 26.29
CA GLN C 105 -13.57 24.37 25.96
C GLN C 105 -12.26 23.97 25.28
N ARG C 106 -11.69 22.84 25.72
CA ARG C 106 -10.44 22.33 25.18
C ARG C 106 -10.63 21.89 23.74
N TYR C 107 -11.85 21.44 23.40
CA TYR C 107 -12.16 20.88 22.09
C TYR C 107 -12.72 21.95 21.15
N LYS C 108 -12.81 23.20 21.63
CA LYS C 108 -13.39 24.28 20.85
C LYS C 108 -12.62 24.47 19.54
N PRO C 109 -11.27 24.44 19.55
CA PRO C 109 -10.50 24.50 18.29
C PRO C 109 -10.99 23.52 17.23
N PHE C 110 -11.07 22.24 17.58
CA PHE C 110 -11.36 21.20 16.60
C PHE C 110 -12.87 21.00 16.42
N LYS C 111 -13.67 21.76 17.18
CA LYS C 111 -15.13 21.66 17.12
C LYS C 111 -15.62 22.00 15.72
N GLN C 112 -14.88 22.87 15.02
CA GLN C 112 -15.24 23.33 13.70
C GLN C 112 -14.69 22.41 12.62
N LEU C 113 -13.72 21.55 12.98
CA LEU C 113 -13.04 20.68 12.03
C LEU C 113 -14.08 19.76 11.35
N HIS C 114 -13.82 19.42 10.09
CA HIS C 114 -14.75 18.64 9.29
C HIS C 114 -14.62 17.16 9.64
N ASN C 115 -15.63 16.37 9.25
CA ASN C 115 -15.62 14.93 9.41
C ASN C 115 -15.28 14.58 10.86
N ARG C 116 -16.20 14.90 11.77
CA ARG C 116 -16.14 14.45 13.15
C ARG C 116 -17.12 13.29 13.30
N ARG C 117 -16.66 12.19 13.92
CA ARG C 117 -17.50 11.02 14.10
C ARG C 117 -17.68 10.73 15.59
N LEU C 118 -18.75 9.99 15.88
CA LEU C 118 -19.00 9.46 17.21
C LEU C 118 -18.58 8.00 17.21
N LEU C 119 -17.56 7.67 18.02
CA LEU C 119 -16.88 6.38 17.93
C LEU C 119 -16.74 5.72 19.30
N TRP C 120 -16.56 4.40 19.26
CA TRP C 120 -16.48 3.56 20.45
C TRP C 120 -15.06 3.58 21.02
N HIS C 121 -14.99 3.66 22.36
CA HIS C 121 -13.75 3.38 23.06
C HIS C 121 -14.06 2.56 24.32
N GLY C 122 -13.59 1.31 24.32
CA GLY C 122 -13.77 0.41 25.45
C GLY C 122 -12.51 0.29 26.29
N SER C 123 -12.69 0.09 27.60
CA SER C 123 -11.59 -0.01 28.54
C SER C 123 -12.06 -0.79 29.76
N ARG C 124 -11.08 -1.28 30.55
CA ARG C 124 -11.36 -1.93 31.82
C ARG C 124 -12.10 -0.94 32.73
N THR C 125 -13.01 -1.48 33.56
CA THR C 125 -13.85 -0.67 34.42
C THR C 125 -13.00 0.07 35.45
N THR C 126 -11.85 -0.53 35.81
CA THR C 126 -10.95 0.04 36.80
C THR C 126 -10.43 1.40 36.36
N ASN C 127 -10.27 1.59 35.03
CA ASN C 127 -9.65 2.77 34.47
C ASN C 127 -10.57 3.98 34.51
N PHE C 128 -11.89 3.76 34.36
CA PHE C 128 -12.84 4.82 34.11
C PHE C 128 -12.79 5.91 35.19
N ALA C 129 -12.26 5.60 36.38
CA ALA C 129 -12.02 6.61 37.40
C ALA C 129 -11.14 7.72 36.83
N GLY C 130 -10.03 7.32 36.21
CA GLY C 130 -9.09 8.25 35.60
C GLY C 130 -9.62 8.85 34.30
N ILE C 131 -10.28 8.01 33.48
CA ILE C 131 -10.74 8.42 32.17
C ILE C 131 -11.74 9.56 32.29
N LEU C 132 -12.60 9.52 33.31
CA LEU C 132 -13.63 10.52 33.48
C LEU C 132 -13.05 11.79 34.10
N SER C 133 -12.07 11.63 35.00
CA SER C 133 -11.46 12.78 35.67
C SER C 133 -10.47 13.47 34.74
N GLN C 134 -9.57 12.70 34.14
CA GLN C 134 -8.47 13.25 33.36
C GLN C 134 -8.76 13.24 31.86
N GLY C 135 -9.81 12.54 31.43
CA GLY C 135 -10.08 12.34 30.03
C GLY C 135 -9.23 11.19 29.46
N LEU C 136 -9.51 10.81 28.21
CA LEU C 136 -8.69 9.82 27.51
C LEU C 136 -7.33 10.44 27.23
N ARG C 137 -6.26 9.78 27.70
CA ARG C 137 -4.92 10.32 27.57
C ARG C 137 -4.04 9.36 26.80
N ILE C 138 -2.91 9.88 26.31
CA ILE C 138 -1.93 9.08 25.59
C ILE C 138 -1.13 8.30 26.62
N TYR C 148 1.79 -1.22 19.77
CA TYR C 148 0.76 -0.43 19.05
C TYR C 148 0.82 -0.72 17.56
N MET C 149 -0.34 -0.65 16.92
CA MET C 149 -0.46 -0.81 15.47
C MET C 149 -0.03 0.50 14.81
N PHE C 150 -0.68 1.60 15.23
CA PHE C 150 -0.48 2.91 14.62
C PHE C 150 0.08 3.88 15.65
N GLY C 151 1.06 3.41 16.44
CA GLY C 151 1.79 4.26 17.37
C GLY C 151 0.97 4.61 18.60
N LYS C 152 1.59 5.33 19.54
CA LYS C 152 0.94 5.74 20.78
C LYS C 152 -0.05 6.86 20.48
N GLY C 153 -1.33 6.51 20.44
CA GLY C 153 -2.41 7.47 20.30
C GLY C 153 -3.66 6.98 21.02
N ILE C 154 -4.77 7.70 20.79
CA ILE C 154 -6.06 7.30 21.33
C ILE C 154 -6.82 6.58 20.22
N TYR C 155 -7.09 5.29 20.43
CA TYR C 155 -7.71 4.45 19.43
C TYR C 155 -9.23 4.50 19.61
N PHE C 156 -9.95 4.36 18.49
CA PHE C 156 -11.40 4.26 18.50
C PHE C 156 -11.83 3.23 17.46
N ALA C 157 -13.13 2.89 17.49
CA ALA C 157 -13.71 1.93 16.56
C ALA C 157 -15.10 2.39 16.18
N ASP C 158 -15.56 1.95 15.01
CA ASP C 158 -16.93 2.20 14.57
C ASP C 158 -17.76 0.93 14.72
N MET C 159 -17.12 -0.14 15.23
CA MET C 159 -17.81 -1.40 15.50
C MET C 159 -17.78 -1.64 17.01
N VAL C 160 -18.97 -1.75 17.62
CA VAL C 160 -19.09 -1.85 19.07
C VAL C 160 -18.36 -3.09 19.58
N SER C 161 -18.48 -4.21 18.86
CA SER C 161 -17.94 -5.48 19.33
C SER C 161 -16.42 -5.45 19.41
N LYS C 162 -15.77 -4.58 18.62
CA LYS C 162 -14.32 -4.47 18.66
C LYS C 162 -13.90 -3.81 19.98
N SER C 163 -14.50 -2.65 20.28
CA SER C 163 -14.21 -1.90 21.49
C SER C 163 -14.66 -2.67 22.72
N ALA C 164 -15.83 -3.32 22.62
CA ALA C 164 -16.40 -4.08 23.72
C ALA C 164 -15.36 -5.04 24.30
N ASN C 165 -14.55 -5.65 23.45
CA ASN C 165 -13.59 -6.66 23.85
C ASN C 165 -12.49 -6.09 24.76
N TYR C 166 -12.37 -4.76 24.84
CA TYR C 166 -11.36 -4.13 25.67
C TYR C 166 -11.92 -3.80 27.05
N CYS C 167 -13.22 -4.04 27.25
CA CYS C 167 -13.83 -3.96 28.57
C CYS C 167 -13.35 -5.11 29.45
N HIS C 168 -12.95 -6.22 28.82
CA HIS C 168 -12.40 -7.38 29.50
C HIS C 168 -13.44 -7.99 30.44
N THR C 169 -14.71 -7.94 30.02
CA THR C 169 -15.77 -8.63 30.74
C THR C 169 -15.62 -10.12 30.52
N SER C 170 -16.10 -10.91 31.49
CA SER C 170 -15.98 -12.36 31.47
C SER C 170 -17.28 -12.97 31.98
N GLN C 171 -17.33 -14.30 32.04
CA GLN C 171 -18.51 -15.04 32.47
C GLN C 171 -18.95 -14.55 33.85
N GLY C 172 -18.02 -14.49 34.79
CA GLY C 172 -18.30 -14.15 36.18
C GLY C 172 -18.23 -12.65 36.46
N ASP C 173 -18.10 -11.83 35.42
CA ASP C 173 -18.14 -10.38 35.56
C ASP C 173 -18.59 -9.78 34.23
N PRO C 174 -19.89 -9.89 33.89
CA PRO C 174 -20.37 -9.58 32.54
C PRO C 174 -20.95 -8.18 32.32
N ILE C 175 -20.53 -7.21 33.13
CA ILE C 175 -20.94 -5.82 32.93
C ILE C 175 -19.72 -4.97 32.64
N GLY C 176 -19.70 -4.37 31.45
CA GLY C 176 -18.63 -3.48 31.02
C GLY C 176 -19.09 -2.03 30.96
N LEU C 177 -18.11 -1.12 30.79
CA LEU C 177 -18.36 0.28 30.48
C LEU C 177 -17.65 0.62 29.17
N ILE C 178 -18.32 1.42 28.32
CA ILE C 178 -17.84 1.73 26.99
C ILE C 178 -18.19 3.18 26.68
N LEU C 179 -17.27 3.90 26.01
CA LEU C 179 -17.42 5.31 25.75
C LEU C 179 -17.88 5.52 24.30
N LEU C 180 -18.63 6.62 24.09
CA LEU C 180 -18.84 7.19 22.78
C LEU C 180 -18.22 8.58 22.78
N GLY C 181 -17.12 8.72 22.04
CA GLY C 181 -16.44 10.00 21.91
C GLY C 181 -16.79 10.68 20.58
N GLU C 182 -17.04 11.98 20.63
CA GLU C 182 -16.98 12.81 19.44
C GLU C 182 -15.50 13.00 19.10
N VAL C 183 -15.06 12.41 17.98
CA VAL C 183 -13.66 12.44 17.59
C VAL C 183 -13.50 13.35 16.37
N ALA C 184 -12.72 14.43 16.53
CA ALA C 184 -12.44 15.36 15.44
C ALA C 184 -11.34 14.78 14.55
N LEU C 185 -11.76 14.06 13.50
CA LEU C 185 -10.86 13.28 12.68
C LEU C 185 -10.22 14.16 11.61
N GLY C 186 -11.04 14.95 10.91
CA GLY C 186 -10.55 15.82 9.86
C GLY C 186 -10.12 15.03 8.63
N ASN C 187 -8.91 15.31 8.12
CA ASN C 187 -8.35 14.56 7.01
C ASN C 187 -7.61 13.35 7.57
N MET C 188 -8.05 12.18 7.14
CA MET C 188 -7.55 10.93 7.69
C MET C 188 -6.36 10.47 6.86
N TYR C 189 -5.37 9.90 7.56
CA TYR C 189 -4.31 9.14 6.90
C TYR C 189 -4.74 7.68 6.90
N GLU C 190 -5.33 7.23 5.79
CA GLU C 190 -5.98 5.94 5.71
C GLU C 190 -4.98 4.85 5.32
N LEU C 191 -4.55 4.07 6.32
CA LEU C 191 -3.53 3.05 6.16
C LEU C 191 -4.17 1.66 6.14
N LYS C 192 -3.49 0.74 5.44
CA LYS C 192 -3.94 -0.63 5.27
C LYS C 192 -3.09 -1.61 6.09
N HIS C 193 -2.00 -1.13 6.67
CA HIS C 193 -1.16 -1.99 7.49
C HIS C 193 -0.50 -1.17 8.60
N ALA C 194 -0.34 -1.79 9.78
CA ALA C 194 0.28 -1.16 10.93
C ALA C 194 1.56 -0.46 10.52
N SER C 195 1.67 0.82 10.85
CA SER C 195 2.85 1.61 10.62
C SER C 195 3.21 2.35 11.91
N HIS C 196 4.50 2.28 12.26
CA HIS C 196 5.04 2.96 13.43
C HIS C 196 5.15 4.45 13.11
N ILE C 197 4.13 5.23 13.54
CA ILE C 197 4.05 6.64 13.20
C ILE C 197 4.65 7.45 14.34
N SER C 198 5.43 8.48 13.98
CA SER C 198 5.89 9.49 14.92
C SER C 198 5.46 10.89 14.48
N LYS C 199 4.78 10.98 13.31
CA LYS C 199 4.18 12.22 12.87
C LYS C 199 3.24 11.94 11.69
N LEU C 200 2.13 12.68 11.68
CA LEU C 200 1.16 12.63 10.59
C LEU C 200 1.70 13.41 9.40
N PRO C 201 1.41 12.98 8.15
CA PRO C 201 1.71 13.81 6.97
C PRO C 201 0.95 15.12 7.05
N LYS C 202 1.44 16.14 6.32
CA LYS C 202 0.89 17.48 6.42
C LYS C 202 -0.48 17.52 5.74
N GLY C 203 -1.44 18.15 6.42
CA GLY C 203 -2.84 18.12 6.03
C GLY C 203 -3.67 17.13 6.84
N LYS C 204 -2.99 16.19 7.52
CA LYS C 204 -3.66 15.08 8.19
C LYS C 204 -3.73 15.36 9.70
N HIS C 205 -4.87 15.01 10.31
CA HIS C 205 -5.05 15.19 11.75
C HIS C 205 -5.42 13.88 12.46
N SER C 206 -5.55 12.78 11.68
CA SER C 206 -5.97 11.51 12.24
C SER C 206 -5.50 10.37 11.35
N VAL C 207 -5.43 9.16 11.93
CA VAL C 207 -5.16 7.96 11.17
C VAL C 207 -6.43 7.11 11.15
N LYS C 208 -6.65 6.42 10.03
CA LYS C 208 -7.72 5.44 9.93
C LYS C 208 -7.15 4.13 9.40
N GLY C 209 -7.17 3.09 10.24
CA GLY C 209 -6.92 1.73 9.79
C GLY C 209 -8.14 1.20 9.02
N LEU C 210 -7.94 0.90 7.73
CA LEU C 210 -9.03 0.47 6.87
C LEU C 210 -9.28 -1.03 7.07
N GLY C 211 -10.43 -1.35 7.66
CA GLY C 211 -10.84 -2.73 7.86
C GLY C 211 -11.44 -3.33 6.59
N LYS C 212 -11.60 -4.66 6.61
CA LYS C 212 -12.26 -5.39 5.54
C LYS C 212 -13.77 -5.25 5.65
N THR C 213 -14.27 -4.98 6.86
CA THR C 213 -15.69 -4.85 7.10
C THR C 213 -15.96 -3.52 7.79
N THR C 214 -16.95 -2.79 7.27
CA THR C 214 -17.20 -1.40 7.67
C THR C 214 -18.70 -1.20 7.84
N PRO C 215 -19.12 -0.36 8.81
CA PRO C 215 -20.52 0.06 8.89
C PRO C 215 -20.97 0.64 7.57
N ASP C 216 -22.04 0.06 6.99
CA ASP C 216 -22.58 0.48 5.71
C ASP C 216 -22.63 2.00 5.68
N PRO C 217 -21.89 2.67 4.77
CA PRO C 217 -21.76 4.12 4.78
C PRO C 217 -22.99 4.87 4.26
N SER C 218 -23.84 4.18 3.48
CA SER C 218 -25.05 4.80 2.96
C SER C 218 -26.13 4.86 4.05
N ALA C 219 -25.89 4.19 5.18
CA ALA C 219 -26.85 4.15 6.28
C ALA C 219 -26.31 4.91 7.48
N ASN C 220 -25.53 5.98 7.25
CA ASN C 220 -25.04 6.84 8.30
C ASN C 220 -26.11 7.89 8.63
N ILE C 221 -26.06 8.42 9.85
CA ILE C 221 -26.94 9.50 10.27
C ILE C 221 -26.11 10.54 11.02
N SER C 222 -26.61 11.77 11.08
CA SER C 222 -25.88 12.88 11.68
C SER C 222 -26.59 13.35 12.96
N LEU C 223 -26.02 13.00 14.12
CA LEU C 223 -26.54 13.40 15.42
C LEU C 223 -25.82 14.66 15.87
N ASP C 224 -26.59 15.73 16.08
CA ASP C 224 -26.08 17.09 16.20
C ASP C 224 -25.23 17.39 14.97
N GLY C 225 -23.93 17.68 15.16
CA GLY C 225 -23.05 17.97 14.05
C GLY C 225 -22.19 16.78 13.64
N VAL C 226 -22.38 15.65 14.33
CA VAL C 226 -21.45 14.54 14.31
C VAL C 226 -22.02 13.43 13.42
N ASP C 227 -21.12 12.71 12.73
CA ASP C 227 -21.49 11.55 11.93
C ASP C 227 -21.49 10.31 12.83
N VAL C 228 -22.49 9.44 12.62
CA VAL C 228 -22.66 8.22 13.39
C VAL C 228 -22.73 7.03 12.45
N PRO C 229 -21.66 6.22 12.34
CA PRO C 229 -21.62 5.11 11.38
C PRO C 229 -22.30 3.86 11.92
N LEU C 230 -23.64 3.84 11.90
CA LEU C 230 -24.40 2.84 12.62
C LEU C 230 -25.06 1.85 11.67
N GLY C 231 -24.62 1.84 10.41
CA GLY C 231 -25.09 0.84 9.45
C GLY C 231 -24.56 -0.54 9.79
N THR C 232 -25.21 -1.58 9.24
CA THR C 232 -24.77 -2.95 9.43
C THR C 232 -23.42 -3.14 8.74
N GLY C 233 -22.62 -4.09 9.23
CA GLY C 233 -21.32 -4.38 8.65
C GLY C 233 -21.45 -4.98 7.26
N ILE C 234 -20.76 -4.36 6.29
CA ILE C 234 -20.62 -4.91 4.93
C ILE C 234 -19.14 -4.88 4.56
N SER C 235 -18.79 -5.66 3.53
CA SER C 235 -17.44 -5.66 2.98
C SER C 235 -17.10 -4.27 2.46
N SER C 236 -15.95 -3.74 2.90
CA SER C 236 -15.55 -2.37 2.63
C SER C 236 -15.13 -2.20 1.17
N GLY C 237 -14.76 -3.31 0.53
CA GLY C 237 -14.27 -3.29 -0.84
C GLY C 237 -12.74 -3.20 -0.87
N VAL C 238 -12.13 -3.06 0.31
CA VAL C 238 -10.68 -3.10 0.46
C VAL C 238 -10.30 -4.54 0.78
N ASN C 239 -9.53 -5.17 -0.12
CA ASN C 239 -9.16 -6.57 0.00
C ASN C 239 -7.80 -6.70 0.68
N ASP C 240 -6.95 -5.69 0.52
CA ASP C 240 -5.51 -5.83 0.73
C ASP C 240 -5.11 -5.06 1.98
N THR C 241 -5.88 -5.26 3.05
CA THR C 241 -5.62 -4.69 4.35
C THR C 241 -5.54 -5.82 5.36
N SER C 242 -4.85 -5.58 6.48
CA SER C 242 -4.60 -6.59 7.48
C SER C 242 -5.66 -6.56 8.59
N LEU C 243 -6.52 -5.53 8.60
CA LEU C 243 -7.52 -5.35 9.64
C LEU C 243 -8.86 -5.95 9.21
N LEU C 244 -9.61 -6.45 10.20
CA LEU C 244 -10.96 -6.96 9.99
C LEU C 244 -11.96 -5.81 10.08
N TYR C 245 -11.72 -4.88 11.01
CA TYR C 245 -12.59 -3.74 11.24
C TYR C 245 -11.78 -2.45 11.20
N ASN C 246 -12.44 -1.32 10.94
CA ASN C 246 -11.76 -0.03 10.93
C ASN C 246 -11.30 0.29 12.34
N GLU C 247 -10.34 1.22 12.45
CA GLU C 247 -10.03 1.86 13.71
C GLU C 247 -9.47 3.26 13.43
N TYR C 248 -9.55 4.10 14.46
CA TYR C 248 -9.27 5.52 14.33
C TYR C 248 -8.31 5.95 15.44
N ILE C 249 -7.27 6.70 15.08
CA ILE C 249 -6.27 7.12 16.05
C ILE C 249 -6.09 8.63 15.96
N VAL C 250 -5.94 9.26 17.13
CA VAL C 250 -5.72 10.69 17.26
C VAL C 250 -4.53 10.89 18.20
N TYR C 251 -3.71 11.91 17.91
CA TYR C 251 -2.43 12.09 18.58
C TYR C 251 -2.41 13.35 19.42
N ASP C 252 -3.56 14.04 19.49
CA ASP C 252 -3.76 15.14 20.42
C ASP C 252 -5.00 14.82 21.25
N ILE C 253 -4.87 14.90 22.59
CA ILE C 253 -5.95 14.56 23.50
C ILE C 253 -7.13 15.50 23.30
N ALA C 254 -6.86 16.72 22.79
CA ALA C 254 -7.87 17.76 22.67
C ALA C 254 -8.88 17.43 21.57
N GLN C 255 -8.55 16.48 20.70
CA GLN C 255 -9.40 16.17 19.56
C GLN C 255 -10.55 15.24 19.96
N VAL C 256 -10.59 14.85 21.24
CA VAL C 256 -11.61 13.93 21.74
C VAL C 256 -12.57 14.70 22.65
N ASN C 257 -13.87 14.52 22.41
CA ASN C 257 -14.90 15.07 23.28
C ASN C 257 -15.85 13.92 23.67
N LEU C 258 -15.78 13.51 24.94
CA LEU C 258 -16.57 12.40 25.44
C LEU C 258 -18.01 12.86 25.57
N LYS C 259 -18.94 12.07 25.02
CA LYS C 259 -20.34 12.45 24.92
C LYS C 259 -21.20 11.52 25.78
N TYR C 260 -21.15 10.22 25.48
CA TYR C 260 -21.98 9.25 26.17
C TYR C 260 -21.10 8.18 26.82
N LEU C 261 -21.65 7.53 27.85
CA LEU C 261 -20.99 6.44 28.55
C LEU C 261 -22.01 5.34 28.83
N LEU C 262 -21.81 4.18 28.20
CA LEU C 262 -22.81 3.12 28.20
C LEU C 262 -22.42 2.04 29.19
N LYS C 263 -23.43 1.51 29.90
CA LYS C 263 -23.29 0.35 30.76
C LYS C 263 -23.81 -0.86 29.99
N LEU C 264 -22.91 -1.81 29.68
CA LEU C 264 -23.21 -2.89 28.75
C LEU C 264 -23.27 -4.21 29.50
N LYS C 265 -24.30 -5.01 29.19
CA LYS C 265 -24.44 -6.36 29.70
C LYS C 265 -24.03 -7.33 28.60
N PHE C 266 -23.00 -8.13 28.88
CA PHE C 266 -22.52 -9.16 27.97
C PHE C 266 -23.26 -10.46 28.24
N ASN C 267 -23.99 -10.95 27.23
CA ASN C 267 -24.79 -12.16 27.33
C ASN C 267 -24.12 -13.29 26.56
N PHE C 268 -23.15 -13.94 27.20
CA PHE C 268 -22.32 -14.96 26.57
C PHE C 268 -23.16 -16.17 26.17
N LYS C 269 -22.73 -16.85 25.10
CA LYS C 269 -23.44 -18.03 24.61
C LYS C 269 -22.87 -19.30 25.22
N SER D 24 26.75 -19.76 6.81
CA SER D 24 25.52 -20.56 7.04
C SER D 24 25.55 -21.81 6.17
N LYS D 25 25.18 -22.95 6.76
CA LYS D 25 25.13 -24.23 6.07
C LYS D 25 23.67 -24.62 5.84
N LEU D 26 22.83 -23.61 5.58
CA LEU D 26 21.39 -23.82 5.45
C LEU D 26 20.98 -23.44 4.02
N PRO D 27 20.06 -24.21 3.37
CA PRO D 27 19.54 -23.82 2.06
C PRO D 27 19.09 -22.36 2.04
N LYS D 28 19.25 -21.71 0.89
CA LYS D 28 18.95 -20.29 0.74
C LYS D 28 17.53 -19.99 1.23
N PRO D 29 16.48 -20.78 0.88
CA PRO D 29 15.11 -20.41 1.23
C PRO D 29 14.91 -20.33 2.75
N VAL D 30 15.67 -21.14 3.48
CA VAL D 30 15.58 -21.18 4.93
C VAL D 30 16.11 -19.87 5.50
N GLN D 31 17.30 -19.46 5.03
CA GLN D 31 17.95 -18.26 5.52
C GLN D 31 17.05 -17.04 5.32
N ASP D 32 16.38 -16.99 4.17
CA ASP D 32 15.39 -15.95 3.88
C ASP D 32 14.33 -15.94 4.97
N LEU D 33 13.80 -17.14 5.26
CA LEU D 33 12.78 -17.33 6.28
C LEU D 33 13.24 -16.79 7.62
N ILE D 34 14.50 -17.07 8.00
CA ILE D 34 15.01 -16.70 9.31
C ILE D 34 14.90 -15.19 9.50
N LYS D 35 15.39 -14.42 8.51
CA LYS D 35 15.37 -12.97 8.60
C LYS D 35 13.93 -12.47 8.58
N MET D 36 13.08 -13.07 7.75
CA MET D 36 11.68 -12.68 7.66
C MET D 36 11.06 -12.71 9.04
N ILE D 37 11.41 -13.75 9.82
CA ILE D 37 10.88 -13.93 11.17
C ILE D 37 11.47 -12.87 12.11
N PHE D 38 12.80 -12.76 12.11
CA PHE D 38 13.49 -11.85 13.01
C PHE D 38 13.59 -10.46 12.37
N PRO D 48 22.64 -11.82 13.19
CA PRO D 48 23.32 -13.10 12.96
C PRO D 48 22.30 -14.22 12.76
N ILE D 49 22.44 -14.96 11.65
CA ILE D 49 21.42 -15.90 11.22
C ILE D 49 21.55 -17.22 11.96
N ASP D 50 22.74 -17.83 11.90
CA ASP D 50 22.98 -19.16 12.45
C ASP D 50 22.64 -19.20 13.93
N VAL D 51 22.87 -18.09 14.64
CA VAL D 51 22.54 -17.99 16.06
C VAL D 51 21.02 -18.05 16.24
N ASN D 52 20.28 -17.48 15.28
CA ASN D 52 18.83 -17.35 15.38
C ASN D 52 18.13 -18.67 15.07
N TYR D 53 18.76 -19.54 14.26
CA TYR D 53 18.23 -20.85 13.96
C TYR D 53 18.30 -21.74 15.20
N GLU D 54 19.35 -21.56 16.00
CA GLU D 54 19.56 -22.32 17.23
C GLU D 54 18.50 -21.92 18.26
N LYS D 55 17.99 -20.67 18.17
CA LYS D 55 17.02 -20.15 19.11
C LYS D 55 15.62 -20.68 18.80
N LEU D 56 15.37 -21.06 17.54
CA LEU D 56 14.07 -21.59 17.14
C LEU D 56 13.88 -22.99 17.70
N LYS D 57 14.99 -23.68 18.01
CA LYS D 57 14.95 -25.02 18.60
C LYS D 57 14.15 -25.93 17.67
N THR D 58 14.31 -25.72 16.36
CA THR D 58 13.49 -26.37 15.35
C THR D 58 14.38 -26.83 14.20
N ASP D 59 14.06 -28.00 13.65
CA ASP D 59 14.76 -28.56 12.50
C ASP D 59 13.95 -28.25 11.24
N ILE D 60 14.43 -27.28 10.45
CA ILE D 60 13.70 -26.80 9.28
C ILE D 60 14.38 -27.34 8.03
N LYS D 61 13.59 -27.99 7.16
CA LYS D 61 14.09 -28.57 5.92
C LYS D 61 13.20 -28.12 4.78
N VAL D 62 13.80 -27.93 3.59
CA VAL D 62 13.05 -27.53 2.41
C VAL D 62 12.48 -28.79 1.75
N VAL D 63 11.16 -28.77 1.52
CA VAL D 63 10.46 -29.86 0.87
C VAL D 63 10.63 -29.72 -0.64
N ASP D 64 11.09 -30.79 -1.29
CA ASP D 64 11.32 -30.78 -2.72
C ASP D 64 10.02 -30.43 -3.44
N ARG D 65 10.11 -29.57 -4.46
CA ARG D 65 8.95 -29.05 -5.17
C ARG D 65 8.24 -30.17 -5.93
N ASP D 66 8.99 -31.19 -6.36
CA ASP D 66 8.46 -32.26 -7.19
C ASP D 66 8.07 -33.47 -6.35
N SER D 67 8.20 -33.38 -5.02
CA SER D 67 7.93 -34.50 -4.14
C SER D 67 6.43 -34.76 -4.04
N GLU D 68 6.09 -35.90 -3.43
CA GLU D 68 4.70 -36.26 -3.17
C GLU D 68 4.11 -35.30 -2.15
N GLU D 69 4.90 -34.95 -1.12
CA GLU D 69 4.47 -34.05 -0.07
C GLU D 69 4.00 -32.74 -0.69
N ALA D 70 4.84 -32.14 -1.52
CA ALA D 70 4.60 -30.82 -2.08
C ALA D 70 3.39 -30.86 -3.02
N GLU D 71 3.31 -31.91 -3.85
CA GLU D 71 2.18 -32.10 -4.75
C GLU D 71 0.88 -32.16 -3.95
N ILE D 72 0.92 -32.82 -2.78
CA ILE D 72 -0.23 -32.93 -1.89
C ILE D 72 -0.53 -31.57 -1.28
N ILE D 73 0.50 -30.92 -0.73
CA ILE D 73 0.33 -29.69 0.03
C ILE D 73 -0.21 -28.59 -0.88
N ARG D 74 0.29 -28.51 -2.12
CA ARG D 74 -0.17 -27.49 -3.06
C ARG D 74 -1.59 -27.81 -3.52
N LYS D 75 -1.95 -29.09 -3.56
CA LYS D 75 -3.30 -29.50 -3.91
C LYS D 75 -4.27 -29.11 -2.80
N TYR D 76 -3.80 -29.19 -1.55
CA TYR D 76 -4.58 -28.75 -0.39
C TYR D 76 -4.87 -27.26 -0.54
N VAL D 77 -3.82 -26.47 -0.82
CA VAL D 77 -3.89 -25.02 -0.87
C VAL D 77 -4.78 -24.58 -2.04
N LYS D 78 -4.76 -25.32 -3.16
CA LYS D 78 -5.56 -24.94 -4.31
C LYS D 78 -7.05 -25.11 -4.00
N ASN D 79 -7.42 -26.31 -3.55
CA ASN D 79 -8.80 -26.74 -3.51
C ASN D 79 -9.55 -26.06 -2.38
N THR D 80 -8.84 -25.73 -1.29
CA THR D 80 -9.50 -25.25 -0.08
C THR D 80 -9.46 -23.72 -0.01
N HIS D 81 -9.04 -23.06 -1.09
CA HIS D 81 -9.13 -21.61 -1.20
C HIS D 81 -10.58 -21.25 -1.51
N ALA D 82 -11.21 -20.48 -0.60
CA ALA D 82 -12.66 -20.43 -0.51
C ALA D 82 -13.21 -19.29 -1.36
N THR D 83 -14.45 -19.46 -1.83
CA THR D 83 -15.13 -18.54 -2.72
C THR D 83 -15.41 -17.19 -2.05
N THR D 84 -15.70 -17.21 -0.75
CA THR D 84 -15.98 -16.00 0.01
C THR D 84 -14.74 -15.10 0.02
N HIS D 85 -13.54 -15.70 -0.05
CA HIS D 85 -12.28 -14.99 0.07
C HIS D 85 -11.69 -14.70 -1.31
N ASN D 86 -12.45 -13.92 -2.08
CA ASN D 86 -12.08 -13.53 -3.43
C ASN D 86 -11.03 -12.43 -3.41
N ALA D 87 -10.63 -12.00 -2.21
CA ALA D 87 -9.75 -10.86 -2.03
C ALA D 87 -8.37 -11.08 -2.66
N TYR D 88 -8.01 -12.34 -2.96
CA TYR D 88 -6.64 -12.65 -3.37
C TYR D 88 -6.54 -14.10 -3.85
N ASP D 89 -5.48 -14.38 -4.62
CA ASP D 89 -5.05 -15.75 -4.89
C ASP D 89 -3.80 -16.01 -4.04
N LEU D 90 -3.46 -17.28 -3.84
CA LEU D 90 -2.26 -17.66 -3.12
C LEU D 90 -1.31 -18.37 -4.08
N GLU D 91 -0.01 -18.10 -3.91
CA GLU D 91 1.04 -18.82 -4.60
C GLU D 91 2.05 -19.30 -3.56
N VAL D 92 2.42 -20.59 -3.66
CA VAL D 92 3.30 -21.21 -2.69
C VAL D 92 4.75 -20.95 -3.12
N ILE D 93 5.48 -20.20 -2.30
CA ILE D 93 6.86 -19.83 -2.60
C ILE D 93 7.79 -20.94 -2.13
N ASP D 94 7.64 -21.35 -0.87
CA ASP D 94 8.48 -22.37 -0.25
C ASP D 94 7.65 -23.21 0.71
N ILE D 95 8.03 -24.48 0.85
CA ILE D 95 7.41 -25.41 1.80
C ILE D 95 8.51 -25.94 2.72
N PHE D 96 8.35 -25.75 4.03
CA PHE D 96 9.34 -26.20 5.01
C PHE D 96 8.79 -27.34 5.84
N LYS D 97 9.63 -28.35 6.11
CA LYS D 97 9.27 -29.47 6.97
C LYS D 97 9.84 -29.22 8.36
N ILE D 98 9.06 -28.54 9.20
CA ILE D 98 9.50 -28.18 10.54
C ILE D 98 9.32 -29.38 11.48
N GLU D 99 10.17 -29.41 12.52
CA GLU D 99 10.20 -30.50 13.49
C GLU D 99 10.69 -29.92 14.82
N ARG D 100 9.75 -29.40 15.62
CA ARG D 100 10.06 -28.76 16.89
C ARG D 100 10.76 -29.75 17.81
N GLU D 101 11.82 -29.28 18.48
CA GLU D 101 12.58 -30.10 19.41
C GLU D 101 11.73 -30.36 20.64
N GLY D 102 11.41 -31.63 20.89
CA GLY D 102 10.69 -32.04 22.09
C GLY D 102 9.19 -32.21 21.87
N GLU D 103 8.68 -31.64 20.77
CA GLU D 103 7.24 -31.63 20.51
C GLU D 103 6.76 -33.05 20.19
N CYS D 104 7.57 -33.79 19.43
CA CYS D 104 7.24 -35.15 19.03
C CYS D 104 6.96 -36.04 20.25
N GLN D 105 7.81 -35.91 21.26
CA GLN D 105 7.72 -36.70 22.48
C GLN D 105 6.53 -36.23 23.31
N ARG D 106 6.25 -34.93 23.26
CA ARG D 106 5.14 -34.33 24.00
C ARG D 106 3.81 -34.84 23.43
N TYR D 107 3.79 -35.12 22.13
CA TYR D 107 2.57 -35.50 21.41
C TYR D 107 2.42 -37.02 21.36
N LYS D 108 3.35 -37.76 21.99
CA LYS D 108 3.33 -39.22 21.96
C LYS D 108 2.02 -39.75 22.54
N PRO D 109 1.51 -39.21 23.67
CA PRO D 109 0.19 -39.61 24.18
C PRO D 109 -0.90 -39.61 23.12
N PHE D 110 -1.08 -38.48 22.44
CA PHE D 110 -2.19 -38.30 21.52
C PHE D 110 -1.87 -38.83 20.13
N LYS D 111 -0.63 -39.33 19.94
CA LYS D 111 -0.18 -39.83 18.64
C LYS D 111 -1.04 -41.01 18.22
N GLN D 112 -1.54 -41.76 19.20
CA GLN D 112 -2.34 -42.96 18.96
C GLN D 112 -3.81 -42.61 18.81
N LEU D 113 -4.21 -41.41 19.24
CA LEU D 113 -5.60 -40.99 19.24
C LEU D 113 -6.15 -41.04 17.81
N HIS D 114 -7.44 -41.33 17.69
CA HIS D 114 -8.08 -41.50 16.39
C HIS D 114 -8.42 -40.15 15.80
N ASN D 115 -8.69 -40.12 14.49
CA ASN D 115 -9.13 -38.94 13.79
C ASN D 115 -8.18 -37.79 14.08
N ARG D 116 -6.94 -37.91 13.57
CA ARG D 116 -5.98 -36.82 13.56
C ARG D 116 -5.95 -36.23 12.16
N ARG D 117 -6.06 -34.89 12.06
CA ARG D 117 -6.06 -34.22 10.78
C ARG D 117 -4.87 -33.26 10.68
N LEU D 118 -4.52 -32.94 9.42
CA LEU D 118 -3.53 -31.93 9.11
C LEU D 118 -4.27 -30.65 8.73
N LEU D 119 -4.10 -29.60 9.54
CA LEU D 119 -4.96 -28.43 9.46
C LEU D 119 -4.12 -27.14 9.44
N TRP D 120 -4.75 -26.08 8.93
CA TRP D 120 -4.14 -24.78 8.73
C TRP D 120 -4.16 -23.98 10.03
N HIS D 121 -3.06 -23.30 10.33
CA HIS D 121 -3.03 -22.26 11.36
C HIS D 121 -2.21 -21.07 10.87
N GLY D 122 -2.88 -19.94 10.66
CA GLY D 122 -2.24 -18.71 10.23
C GLY D 122 -2.02 -17.75 11.41
N SER D 123 -0.91 -17.00 11.34
CA SER D 123 -0.58 -16.01 12.36
C SER D 123 0.28 -14.92 11.74
N ARG D 124 0.36 -13.77 12.43
CA ARG D 124 1.29 -12.70 12.07
C ARG D 124 2.71 -13.23 12.02
N THR D 125 3.51 -12.71 11.08
CA THR D 125 4.88 -13.16 10.87
C THR D 125 5.73 -12.86 12.10
N THR D 126 5.37 -11.81 12.85
CA THR D 126 6.11 -11.40 14.02
C THR D 126 6.11 -12.50 15.08
N ASN D 127 5.02 -13.28 15.13
CA ASN D 127 4.80 -14.27 16.18
C ASN D 127 5.66 -15.52 15.97
N PHE D 128 5.94 -15.88 14.72
CA PHE D 128 6.51 -17.19 14.39
C PHE D 128 7.83 -17.45 15.13
N ALA D 129 8.49 -16.39 15.60
CA ALA D 129 9.67 -16.54 16.46
C ALA D 129 9.31 -17.37 17.68
N GLY D 130 8.21 -17.00 18.35
CA GLY D 130 7.72 -17.70 19.52
C GLY D 130 7.08 -19.03 19.18
N ILE D 131 6.30 -19.07 18.09
CA ILE D 131 5.53 -20.24 17.71
C ILE D 131 6.46 -21.42 17.43
N LEU D 132 7.63 -21.14 16.82
CA LEU D 132 8.56 -22.21 16.47
C LEU D 132 9.37 -22.64 17.69
N SER D 133 9.69 -21.68 18.58
CA SER D 133 10.48 -22.00 19.76
C SER D 133 9.62 -22.66 20.82
N GLN D 134 8.47 -22.05 21.13
CA GLN D 134 7.64 -22.48 22.24
C GLN D 134 6.48 -23.38 21.78
N GLY D 135 6.24 -23.45 20.46
CA GLY D 135 5.08 -24.14 19.93
C GLY D 135 3.83 -23.27 19.99
N LEU D 136 2.73 -23.76 19.41
CA LEU D 136 1.45 -23.07 19.50
C LEU D 136 0.94 -23.16 20.92
N ARG D 137 0.66 -21.98 21.51
CA ARG D 137 0.25 -21.90 22.90
C ARG D 137 -1.12 -21.24 22.98
N ILE D 138 -1.76 -21.40 24.14
CA ILE D 138 -3.06 -20.82 24.40
C ILE D 138 -2.86 -19.33 24.66
N ALA D 139 -3.84 -18.52 24.25
CA ALA D 139 -3.88 -17.12 24.59
C ALA D 139 -3.78 -16.98 26.11
N PRO D 140 -2.95 -16.04 26.62
CA PRO D 140 -2.71 -15.95 28.07
C PRO D 140 -3.94 -15.53 28.87
N PRO D 141 -3.91 -15.63 30.21
CA PRO D 141 -5.05 -15.25 31.06
C PRO D 141 -5.53 -13.81 30.86
N GLU D 142 -4.60 -12.86 30.66
CA GLU D 142 -4.95 -11.45 30.67
C GLU D 142 -5.65 -11.07 29.37
N ALA D 143 -5.46 -11.88 28.31
CA ALA D 143 -6.09 -11.66 27.01
C ALA D 143 -7.62 -11.62 27.15
N PRO D 144 -8.35 -11.02 26.19
CA PRO D 144 -9.81 -10.91 26.29
C PRO D 144 -10.51 -12.18 25.81
N VAL D 145 -11.57 -12.57 26.50
CA VAL D 145 -12.26 -13.84 26.26
C VAL D 145 -13.43 -13.64 25.30
N THR D 146 -13.92 -12.39 25.18
CA THR D 146 -15.10 -12.08 24.40
C THR D 146 -14.83 -12.25 22.90
N GLY D 147 -13.57 -12.09 22.49
CA GLY D 147 -13.20 -12.09 21.09
C GLY D 147 -13.28 -13.46 20.43
N TYR D 148 -13.30 -14.53 21.25
CA TYR D 148 -13.22 -15.90 20.76
C TYR D 148 -14.61 -16.41 20.37
N MET D 149 -14.63 -17.30 19.38
CA MET D 149 -15.86 -17.99 19.01
C MET D 149 -16.11 -19.11 20.01
N PHE D 150 -15.10 -19.99 20.16
CA PHE D 150 -15.20 -21.20 20.97
C PHE D 150 -14.19 -21.18 22.11
N GLY D 151 -14.10 -20.03 22.79
CA GLY D 151 -13.26 -19.90 23.98
C GLY D 151 -11.77 -19.85 23.65
N LYS D 152 -10.94 -19.65 24.69
CA LYS D 152 -9.50 -19.60 24.54
C LYS D 152 -8.95 -21.00 24.27
N GLY D 153 -8.66 -21.29 22.99
CA GLY D 153 -7.93 -22.49 22.61
C GLY D 153 -7.03 -22.23 21.40
N ILE D 154 -6.53 -23.32 20.80
CA ILE D 154 -5.74 -23.24 19.58
C ILE D 154 -6.67 -23.57 18.41
N TYR D 155 -6.90 -22.58 17.55
CA TYR D 155 -7.83 -22.71 16.45
C TYR D 155 -7.12 -23.23 15.22
N PHE D 156 -7.85 -23.98 14.39
CA PHE D 156 -7.36 -24.46 13.12
C PHE D 156 -8.48 -24.38 12.09
N ALA D 157 -8.13 -24.61 10.82
CA ALA D 157 -9.09 -24.59 9.73
C ALA D 157 -8.69 -25.66 8.72
N ASP D 158 -9.67 -26.14 7.96
CA ASP D 158 -9.42 -27.07 6.87
C ASP D 158 -9.51 -26.33 5.54
N MET D 159 -9.75 -25.01 5.59
CA MET D 159 -9.78 -24.15 4.44
C MET D 159 -8.63 -23.15 4.55
N VAL D 160 -7.72 -23.15 3.57
CA VAL D 160 -6.51 -22.35 3.62
C VAL D 160 -6.86 -20.86 3.72
N SER D 161 -7.87 -20.43 2.96
CA SER D 161 -8.21 -19.02 2.88
C SER D 161 -8.72 -18.48 4.22
N LYS D 162 -9.25 -19.36 5.09
CA LYS D 162 -9.71 -18.93 6.40
C LYS D 162 -8.51 -18.57 7.28
N SER D 163 -7.55 -19.49 7.37
CA SER D 163 -6.36 -19.30 8.17
C SER D 163 -5.48 -18.20 7.57
N ALA D 164 -5.40 -18.16 6.24
CA ALA D 164 -4.58 -17.18 5.55
C ALA D 164 -4.89 -15.77 6.05
N ASN D 165 -6.17 -15.49 6.35
CA ASN D 165 -6.62 -14.17 6.76
C ASN D 165 -5.99 -13.73 8.08
N TYR D 166 -5.41 -14.67 8.84
CA TYR D 166 -4.84 -14.35 10.14
C TYR D 166 -3.33 -14.07 10.02
N CYS D 167 -2.79 -14.23 8.80
CA CYS D 167 -1.43 -13.80 8.50
C CYS D 167 -1.33 -12.28 8.52
N HIS D 168 -2.47 -11.61 8.25
CA HIS D 168 -2.55 -10.16 8.29
C HIS D 168 -1.62 -9.53 7.25
N THR D 169 -1.47 -10.21 6.11
CA THR D 169 -0.75 -9.66 4.98
C THR D 169 -1.60 -8.56 4.38
N SER D 170 -0.93 -7.59 3.74
CA SER D 170 -1.58 -6.43 3.15
C SER D 170 -0.94 -6.11 1.80
N GLN D 171 -1.44 -5.05 1.14
CA GLN D 171 -0.96 -4.59 -0.15
C GLN D 171 0.56 -4.44 -0.12
N GLY D 172 1.06 -3.68 0.86
CA GLY D 172 2.47 -3.33 0.94
C GLY D 172 3.30 -4.33 1.74
N ASP D 173 2.70 -5.47 2.10
CA ASP D 173 3.43 -6.55 2.76
C ASP D 173 2.71 -7.87 2.47
N PRO D 174 2.84 -8.40 1.22
CA PRO D 174 2.00 -9.51 0.77
C PRO D 174 2.62 -10.92 0.89
N ILE D 175 3.57 -11.10 1.81
CA ILE D 175 4.12 -12.42 2.08
C ILE D 175 3.80 -12.82 3.51
N GLY D 176 3.04 -13.92 3.65
CA GLY D 176 2.68 -14.45 4.96
C GLY D 176 3.34 -15.79 5.24
N LEU D 177 3.19 -16.24 6.49
CA LEU D 177 3.59 -17.58 6.91
C LEU D 177 2.38 -18.28 7.50
N ILE D 178 2.24 -19.58 7.20
CA ILE D 178 1.07 -20.35 7.59
C ILE D 178 1.53 -21.77 7.94
N LEU D 179 0.93 -22.34 8.99
CA LEU D 179 1.33 -23.63 9.53
C LEU D 179 0.39 -24.72 9.04
N LEU D 180 0.93 -25.94 8.92
CA LEU D 180 0.16 -27.16 8.84
C LEU D 180 0.49 -28.00 10.08
N GLY D 181 -0.48 -28.10 11.00
CA GLY D 181 -0.31 -28.91 12.18
C GLY D 181 -1.02 -30.25 12.05
N GLU D 182 -0.37 -31.31 12.51
CA GLU D 182 -1.07 -32.55 12.83
C GLU D 182 -1.82 -32.32 14.13
N VAL D 183 -3.15 -32.31 14.06
CA VAL D 183 -3.99 -32.01 15.21
C VAL D 183 -4.70 -33.29 15.66
N ALA D 184 -4.43 -33.75 16.89
CA ALA D 184 -5.09 -34.92 17.46
C ALA D 184 -6.46 -34.52 17.99
N LEU D 185 -7.48 -34.66 17.13
CA LEU D 185 -8.80 -34.14 17.41
C LEU D 185 -9.61 -35.13 18.26
N GLY D 186 -9.57 -36.41 17.87
CA GLY D 186 -10.28 -37.44 18.60
C GLY D 186 -11.79 -37.32 18.41
N ASN D 187 -12.52 -37.33 19.52
CA ASN D 187 -13.96 -37.14 19.50
C ASN D 187 -14.25 -35.65 19.55
N MET D 188 -14.94 -35.16 18.52
CA MET D 188 -15.17 -33.75 18.38
C MET D 188 -16.48 -33.38 19.05
N TYR D 189 -16.52 -32.21 19.68
CA TYR D 189 -17.77 -31.58 20.08
C TYR D 189 -18.20 -30.63 18.97
N GLU D 190 -19.09 -31.11 18.11
CA GLU D 190 -19.45 -30.43 16.87
C GLU D 190 -20.58 -29.43 17.11
N LEU D 191 -20.20 -28.14 17.19
CA LEU D 191 -21.13 -27.06 17.47
C LEU D 191 -21.46 -26.28 16.19
N LYS D 192 -22.64 -25.66 16.14
CA LYS D 192 -23.14 -24.92 14.99
C LYS D 192 -23.19 -23.42 15.28
N HIS D 193 -22.89 -23.03 16.52
CA HIS D 193 -22.90 -21.62 16.89
C HIS D 193 -21.84 -21.37 17.96
N ALA D 194 -21.18 -20.22 17.85
CA ALA D 194 -20.16 -19.82 18.82
C ALA D 194 -20.72 -19.95 20.22
N SER D 195 -20.01 -20.68 21.08
CA SER D 195 -20.37 -20.83 22.48
C SER D 195 -19.10 -20.67 23.31
N HIS D 196 -19.23 -19.92 24.42
CA HIS D 196 -18.11 -19.65 25.31
C HIS D 196 -17.80 -20.91 26.11
N ILE D 197 -16.82 -21.70 25.65
CA ILE D 197 -16.50 -22.98 26.27
C ILE D 197 -15.36 -22.78 27.26
N SER D 198 -15.51 -23.40 28.44
CA SER D 198 -14.45 -23.49 29.44
C SER D 198 -14.21 -24.94 29.83
N LYS D 199 -14.94 -25.88 29.21
CA LYS D 199 -14.87 -27.29 29.55
C LYS D 199 -15.46 -28.10 28.38
N LEU D 200 -14.72 -29.13 27.92
CA LEU D 200 -15.27 -30.07 26.95
C LEU D 200 -16.16 -31.05 27.68
N PRO D 201 -17.26 -31.54 27.06
CA PRO D 201 -18.01 -32.69 27.61
C PRO D 201 -17.11 -33.91 27.68
N LYS D 202 -17.43 -34.85 28.58
CA LYS D 202 -16.53 -35.98 28.82
C LYS D 202 -16.61 -36.95 27.66
N GLY D 203 -15.44 -37.43 27.22
CA GLY D 203 -15.32 -38.19 25.98
C GLY D 203 -14.77 -37.35 24.83
N LYS D 204 -14.85 -36.02 24.96
CA LYS D 204 -14.49 -35.10 23.90
C LYS D 204 -13.10 -34.53 24.15
N HIS D 205 -12.31 -34.37 23.08
CA HIS D 205 -10.97 -33.82 23.18
C HIS D 205 -10.79 -32.60 22.28
N SER D 206 -11.83 -32.25 21.51
CA SER D 206 -11.74 -31.15 20.55
C SER D 206 -13.13 -30.59 20.26
N VAL D 207 -13.15 -29.35 19.77
CA VAL D 207 -14.37 -28.73 19.29
C VAL D 207 -14.25 -28.58 17.78
N LYS D 208 -15.38 -28.74 17.09
CA LYS D 208 -15.46 -28.48 15.67
C LYS D 208 -16.64 -27.55 15.40
N GLY D 209 -16.35 -26.33 14.95
CA GLY D 209 -17.36 -25.47 14.37
C GLY D 209 -17.77 -25.94 12.99
N LEU D 210 -19.04 -26.33 12.83
CA LEU D 210 -19.54 -26.87 11.57
C LEU D 210 -19.87 -25.72 10.63
N GLY D 211 -19.08 -25.60 9.56
CA GLY D 211 -19.32 -24.59 8.55
C GLY D 211 -20.39 -25.02 7.56
N LYS D 212 -20.85 -24.06 6.74
CA LYS D 212 -21.79 -24.32 5.65
C LYS D 212 -21.08 -24.96 4.47
N THR D 213 -19.78 -24.71 4.36
CA THR D 213 -18.99 -25.23 3.25
C THR D 213 -17.79 -25.99 3.83
N THR D 214 -17.57 -27.20 3.31
CA THR D 214 -16.58 -28.12 3.86
C THR D 214 -15.79 -28.74 2.72
N PRO D 215 -14.48 -29.00 2.92
CA PRO D 215 -13.71 -29.80 1.96
C PRO D 215 -14.41 -31.13 1.72
N ASP D 216 -14.72 -31.41 0.45
CA ASP D 216 -15.43 -32.62 0.06
C ASP D 216 -14.81 -33.81 0.81
N PRO D 217 -15.60 -34.50 1.67
CA PRO D 217 -15.05 -35.54 2.55
C PRO D 217 -14.74 -36.86 1.84
N SER D 218 -15.36 -37.09 0.68
CA SER D 218 -15.11 -38.29 -0.10
C SER D 218 -13.78 -38.18 -0.86
N ALA D 219 -13.18 -36.98 -0.87
CA ALA D 219 -11.93 -36.73 -1.56
C ALA D 219 -10.81 -36.47 -0.56
N ASN D 220 -10.87 -37.12 0.60
CA ASN D 220 -9.81 -37.02 1.59
C ASN D 220 -8.73 -38.05 1.25
N ILE D 221 -7.50 -37.77 1.70
CA ILE D 221 -6.37 -38.67 1.51
C ILE D 221 -5.60 -38.72 2.82
N SER D 222 -4.82 -39.80 3.02
CA SER D 222 -4.11 -40.03 4.27
C SER D 222 -2.60 -39.93 4.06
N LEU D 223 -2.02 -38.80 4.50
CA LEU D 223 -0.59 -38.56 4.43
C LEU D 223 0.05 -38.97 5.75
N ASP D 224 0.99 -39.92 5.66
CA ASP D 224 1.49 -40.66 6.81
C ASP D 224 0.30 -41.28 7.54
N GLY D 225 0.08 -40.93 8.81
CA GLY D 225 -1.02 -41.47 9.59
C GLY D 225 -2.22 -40.53 9.64
N VAL D 226 -2.08 -39.36 8.99
CA VAL D 226 -2.94 -38.21 9.24
C VAL D 226 -3.93 -38.08 8.08
N ASP D 227 -5.14 -37.59 8.39
CA ASP D 227 -6.14 -37.28 7.38
C ASP D 227 -5.91 -35.86 6.87
N VAL D 228 -6.09 -35.69 5.55
CA VAL D 228 -5.88 -34.41 4.88
C VAL D 228 -7.15 -34.06 4.11
N PRO D 229 -7.96 -33.10 4.60
CA PRO D 229 -9.22 -32.72 3.93
C PRO D 229 -9.00 -31.73 2.80
N LEU D 230 -8.51 -32.23 1.65
CA LEU D 230 -8.03 -31.36 0.59
C LEU D 230 -8.98 -31.38 -0.61
N GLY D 231 -10.20 -31.89 -0.41
CA GLY D 231 -11.23 -31.84 -1.42
C GLY D 231 -11.70 -30.40 -1.65
N THR D 232 -12.33 -30.15 -2.80
CA THR D 232 -12.88 -28.83 -3.10
C THR D 232 -14.05 -28.58 -2.16
N GLY D 233 -14.34 -27.29 -1.90
CA GLY D 233 -15.43 -26.91 -1.02
C GLY D 233 -16.78 -27.26 -1.64
N ILE D 234 -17.61 -27.99 -0.86
CA ILE D 234 -18.99 -28.26 -1.19
C ILE D 234 -19.86 -27.91 0.02
N SER D 235 -21.16 -27.77 -0.22
CA SER D 235 -22.13 -27.53 0.85
C SER D 235 -22.12 -28.72 1.81
N SER D 236 -21.97 -28.42 3.11
CA SER D 236 -21.77 -29.43 4.13
C SER D 236 -23.06 -30.21 4.41
N GLY D 237 -24.21 -29.60 4.09
CA GLY D 237 -25.50 -30.19 4.38
C GLY D 237 -25.99 -29.85 5.80
N VAL D 238 -25.23 -29.00 6.51
CA VAL D 238 -25.57 -28.60 7.86
C VAL D 238 -26.45 -27.37 7.80
N ASN D 239 -27.66 -27.50 8.35
CA ASN D 239 -28.65 -26.42 8.37
C ASN D 239 -28.50 -25.66 9.67
N ASP D 240 -28.66 -24.33 9.60
CA ASP D 240 -28.73 -23.50 10.80
C ASP D 240 -27.38 -23.58 11.52
N THR D 241 -26.31 -23.36 10.76
CA THR D 241 -25.02 -22.98 11.35
C THR D 241 -24.67 -21.57 10.92
N SER D 242 -23.93 -20.87 11.79
CA SER D 242 -23.62 -19.46 11.61
C SER D 242 -22.25 -19.29 10.95
N LEU D 243 -21.49 -20.38 10.80
CA LEU D 243 -20.14 -20.36 10.25
C LEU D 243 -20.21 -20.68 8.77
N LEU D 244 -19.29 -20.07 8.00
CA LEU D 244 -19.16 -20.30 6.58
C LEU D 244 -18.25 -21.50 6.33
N TYR D 245 -17.20 -21.62 7.14
CA TYR D 245 -16.22 -22.70 7.02
C TYR D 245 -16.05 -23.38 8.37
N ASN D 246 -15.57 -24.63 8.35
CA ASN D 246 -15.32 -25.36 9.58
C ASN D 246 -14.17 -24.69 10.32
N GLU D 247 -14.06 -24.96 11.62
CA GLU D 247 -12.86 -24.64 12.38
C GLU D 247 -12.74 -25.62 13.55
N TYR D 248 -11.51 -25.74 14.06
CA TYR D 248 -11.14 -26.77 15.00
C TYR D 248 -10.40 -26.15 16.18
N ILE D 249 -10.79 -26.52 17.40
CA ILE D 249 -10.19 -25.94 18.59
C ILE D 249 -9.75 -27.06 19.52
N VAL D 250 -8.57 -26.90 20.13
CA VAL D 250 -8.05 -27.83 21.11
C VAL D 250 -7.55 -27.03 22.31
N TYR D 251 -7.71 -27.62 23.51
CA TYR D 251 -7.51 -26.89 24.74
C TYR D 251 -6.30 -27.44 25.51
N ASP D 252 -5.57 -28.38 24.89
CA ASP D 252 -4.28 -28.83 25.39
C ASP D 252 -3.23 -28.63 24.30
N ILE D 253 -2.12 -27.97 24.64
CA ILE D 253 -1.08 -27.62 23.68
C ILE D 253 -0.43 -28.90 23.13
N ALA D 254 -0.49 -29.99 23.90
CA ALA D 254 0.20 -31.22 23.56
C ALA D 254 -0.47 -31.92 22.38
N GLN D 255 -1.70 -31.53 22.05
CA GLN D 255 -2.47 -32.20 21.01
C GLN D 255 -2.04 -31.73 19.62
N VAL D 256 -1.11 -30.76 19.55
CA VAL D 256 -0.68 -30.19 18.29
C VAL D 256 0.75 -30.66 17.98
N ASN D 257 0.95 -31.13 16.74
CA ASN D 257 2.27 -31.48 16.25
C ASN D 257 2.49 -30.76 14.93
N LEU D 258 3.38 -29.75 14.94
CA LEU D 258 3.65 -28.93 13.77
C LEU D 258 4.46 -29.75 12.77
N LYS D 259 4.01 -29.76 11.51
CA LYS D 259 4.61 -30.60 10.47
C LYS D 259 5.27 -29.73 9.40
N TYR D 260 4.48 -28.86 8.76
CA TYR D 260 4.97 -28.05 7.65
C TYR D 260 4.76 -26.56 7.95
N LEU D 261 5.53 -25.72 7.28
CA LEU D 261 5.44 -24.26 7.40
C LEU D 261 5.58 -23.65 6.01
N LEU D 262 4.52 -23.02 5.53
CA LEU D 262 4.44 -22.56 4.15
C LEU D 262 4.70 -21.05 4.08
N LYS D 263 5.43 -20.63 3.04
CA LYS D 263 5.65 -19.23 2.74
C LYS D 263 4.71 -18.86 1.59
N LEU D 264 3.75 -17.97 1.86
CA LEU D 264 2.64 -17.72 0.95
C LEU D 264 2.75 -16.30 0.37
N LYS D 265 2.55 -16.21 -0.95
CA LYS D 265 2.45 -14.93 -1.65
C LYS D 265 0.98 -14.61 -1.89
N PHE D 266 0.51 -13.49 -1.33
CA PHE D 266 -0.86 -13.04 -1.50
C PHE D 266 -0.96 -12.13 -2.71
N ASN D 267 -1.76 -12.54 -3.71
CA ASN D 267 -1.93 -11.80 -4.95
C ASN D 267 -3.31 -11.13 -4.96
N PHE D 268 -3.41 -9.96 -4.32
CA PHE D 268 -4.66 -9.27 -4.11
C PHE D 268 -5.27 -8.83 -5.43
N LYS D 269 -6.61 -8.76 -5.45
CA LYS D 269 -7.38 -8.21 -6.55
C LYS D 269 -7.66 -6.75 -6.22
N THR D 270 -7.22 -5.84 -7.11
CA THR D 270 -7.46 -4.41 -6.95
C THR D 270 -6.85 -3.91 -5.63
O3 DQV E . 14.45 6.11 -16.85
C4 DQV E . 20.01 9.63 -13.96
C5 DQV E . 18.72 9.23 -14.30
O4 DQV E . 16.87 5.63 -17.58
C6 DQV E . 18.44 7.87 -14.42
N1 DQV E . 15.08 0.36 -21.08
C7 DQV E . 17.63 10.26 -14.47
C8 DQV E . 15.91 10.21 -16.10
N2 DQV E . 16.43 -0.47 -22.66
C9 DQV E . 15.33 9.09 -16.89
O5 DQV E . 15.39 7.06 -18.98
C10 DQV E . 13.51 4.48 -20.37
O6 DQV E . 13.13 8.09 -19.25
C11 DQV E . 13.55 3.21 -19.55
C12 DQV E . 14.60 1.17 -19.97
N3 DQV E . 15.38 -2.70 -24.51
C13 DQV E . 15.64 2.05 -19.30
O7 DQV E . 14.37 7.11 -21.27
C14 DQV E . 14.74 3.08 -18.60
O8 DQV E . 13.46 5.60 -19.44
C15 DQV E . 16.32 0.39 -21.67
N4 DQV E . 13.42 -2.54 -23.31
P1 DQV E . 14.03 7.05 -19.81
O11 DQV E . 14.34 2.68 -17.30
O10 DQV E . 16.46 1.34 -18.40
C19 DQV E . 14.36 -0.61 -21.74
N5 DQV E . 13.10 -0.99 -21.48
C18 DQV E . 12.72 -1.96 -22.31
C17 DQV E . 14.69 -2.13 -23.53
C16 DQV E . 15.20 -1.10 -22.71
O9 DQV E . 13.63 2.06 -20.44
P DQV E . 15.72 6.59 -17.48
O2 DQV E . 16.21 7.96 -16.81
O1 DQV E . 16.38 9.67 -14.85
C20 DQV E . 17.13 10.89 -16.74
O12 DQV E . 16.76 12.03 -17.52
C21 DQV E . 17.90 11.36 -15.51
O13 DQV E . 17.44 12.61 -15.03
C3 DQV E . 21.01 8.70 -13.76
C2 DQV E . 20.73 7.35 -13.87
C1 DQV E . 19.44 6.92 -14.17
C DQV E . 19.15 5.45 -14.30
O DQV E . 19.85 4.62 -13.72
N DQV E . 18.17 5.08 -15.12
PA CNA F . 20.51 14.70 -8.54
O1A CNA F . 21.80 13.93 -8.55
O2A CNA F . 20.52 16.18 -8.30
O5B CNA F . 19.70 14.39 -9.87
C5B CNA F . 18.59 15.24 -10.25
C4B CNA F . 17.79 14.52 -11.30
O4B CNA F . 16.82 15.42 -11.88
C3B CNA F . 18.60 13.96 -12.49
O3B CNA F . 18.04 12.73 -12.92
C2B CNA F . 18.50 15.10 -13.52
O2B CNA F . 18.58 14.74 -14.88
C1B CNA F . 17.09 15.63 -13.24
N9A CNA F . 17.03 17.06 -13.51
C8A CNA F . 17.69 18.05 -12.83
N7A CNA F . 17.46 19.25 -13.31
C5A CNA F . 16.61 19.02 -14.39
C6A CNA F . 16.03 19.91 -15.31
N6A CNA F . 16.21 21.22 -15.29
N1A CNA F . 15.23 19.36 -16.27
C2A CNA F . 15.05 18.03 -16.28
N3A CNA F . 15.56 17.11 -15.45
C4A CNA F . 16.33 17.68 -14.53
O3 CNA F . 19.52 14.08 -7.42
PN CNA F . 18.66 12.74 -7.22
O1N CNA F . 18.34 12.05 -8.51
O2N CNA F . 19.36 11.91 -6.20
O5D CNA F . 17.35 13.40 -6.60
C5D CNA F . 16.65 14.49 -7.26
C4D CNA F . 15.34 14.71 -6.55
C4' CNA F . 14.30 15.38 -7.46
C3D CNA F . 14.64 13.42 -6.09
O3D CNA F . 13.67 13.63 -5.08
C2D CNA F . 14.02 12.97 -7.42
O2D CNA F . 13.18 11.85 -7.23
C1D CNA F . 13.33 14.26 -7.87
N1N CNA F . 12.93 14.32 -9.30
C2N CNA F . 13.46 13.52 -10.24
C3N CNA F . 13.07 13.63 -11.57
C7N CNA F . 13.63 12.74 -12.64
O7N CNA F . 13.31 12.93 -13.83
N7N CNA F . 14.47 11.77 -12.30
C4N CNA F . 12.10 14.56 -11.91
C5N CNA F . 11.55 15.37 -10.93
C6N CNA F . 11.97 15.25 -9.63
O3 DQV G . -2.33 6.04 -21.30
O3 DQV G . -1.99 9.63 -21.03
C4 DQV G . -0.74 11.27 -14.47
C5 DQV G . -0.60 10.75 -15.74
O4 DQV G . -2.93 8.51 -21.02
O4 DQV G . -4.00 10.48 -19.69
C6 DQV G . -1.09 11.48 -16.82
N1 DQV G . -8.06 11.15 -24.67
C7 DQV G . 0.09 9.42 -15.94
C8 DQV G . -0.59 7.77 -17.52
N2 DQV G . -10.25 11.45 -24.27
C9 DQV G . -1.34 7.98 -18.82
C9 DQV G . -1.38 7.90 -18.79
O5 DQV G . -4.55 6.71 -20.31
O5 DQV G . -3.81 8.05 -20.35
C10 DQV G . -5.01 8.04 -23.46
C10 DQV G . -5.00 8.05 -23.42
O6 DQV G . -5.50 5.54 -22.34
O6 DQV G . -2.17 6.43 -21.35
C11 DQV G . -4.99 9.44 -24.03
C12 DQV G . -6.62 11.02 -24.46
N3 DQV G . -12.22 11.43 -26.65
C13 DQV G . -6.14 11.30 -23.04
O7 DQV G . -7.05 6.60 -20.61
O7 DQV G . -4.67 5.93 -21.44
C14 DQV G . -4.78 10.59 -23.04
O8 DQV G . -5.60 8.05 -22.12
O8 DQV G . -3.70 7.81 -22.81
C15 DQV G . -9.05 11.37 -23.73
N4 DQV G . -10.35 11.06 -27.96
P1 DQV G . -5.76 6.64 -21.37
P1 DQV G . -3.57 6.94 -21.48
O11 DQV G . -3.72 11.43 -23.46
O10 DQV G . -6.04 12.69 -22.78
C19 DQV G . -8.69 11.09 -25.89
N5 DQV G . -8.11 10.90 -27.08
C18 DQV G . -9.03 10.89 -28.05
C17 DQV G . -10.90 11.26 -26.74
C16 DQV G . -10.03 11.28 -25.63
O9 DQV G . -6.26 9.69 -24.68
P DQV G . -3.00 7.10 -20.50
P DQV G . -3.02 9.40 -19.98
O2 DQV G . -2.45 7.07 -19.00
O2 DQV G . -2.29 8.99 -18.63
O1 DQV G . 0.12 9.01 -17.31
C20 DQV G . -1.40 7.53 -16.25
O12 DQV G . -1.50 6.14 -15.97
C21 DQV G . -0.53 8.24 -15.19
O13 DQV G . 0.46 7.39 -14.64
C3 DQV G . -1.35 12.50 -14.27
C2 DQV G . -1.82 13.21 -15.35
C1 DQV G . -1.66 12.73 -16.64
C DQV G . -2.20 13.51 -17.79
O DQV G . -2.30 14.74 -17.72
N DQV G . -2.61 12.83 -18.86
O3 DQV H . -5.97 -0.34 24.78
C4 DQV H . -8.74 -0.57 18.38
C5 DQV H . -8.09 -0.92 19.54
O4 DQV H . -7.10 1.78 23.89
C6 DQV H . -8.64 -0.55 20.77
N1 DQV H . -7.00 5.12 29.48
C7 DQV H . -6.81 -1.72 19.48
C8 DQV H . -4.86 -1.46 20.86
N2 DQV H . -7.19 7.36 29.44
C9 DQV H . -4.63 -0.35 21.85
O5 DQV H . -4.59 1.59 23.99
C10 DQV H . -4.26 2.25 27.39
O6 DQV H . -2.68 0.11 24.68
C11 DQV H . -5.55 2.13 28.15
C12 DQV H . -6.99 3.72 29.05
N3 DQV H . -6.78 8.94 32.07
C13 DQV H . -7.46 3.49 27.61
O7 DQV H . -2.62 2.67 25.07
C14 DQV H . -6.83 2.12 27.31
O8 DQV H . -4.20 1.20 26.38
C15 DQV H . -7.24 6.25 28.73
N4 DQV H . -6.42 6.88 33.05
P1 DQV H . -3.38 1.38 25.01
O11 DQV H . -7.67 1.04 27.68
O10 DQV H . -8.86 3.50 27.50
C19 DQV H . -6.78 5.56 30.76
N5 DQV H . -6.50 4.79 31.84
C18 DQV H . -6.34 5.56 32.92
C17 DQV H . -6.70 7.62 31.94
C16 DQV H . -6.89 6.93 30.73
O9 DQV H . -5.68 3.25 29.08
P DQV H . -5.98 0.80 23.82
O2 DQV H . -5.87 0.23 22.33
O1 DQV H . -6.25 -1.88 20.80
C20 DQV H . -4.41 -1.20 19.41
O12 DQV H . -3.60 -2.27 18.95
C21 DQV H . -5.71 -1.12 18.59
O13 DQV H . -5.66 -1.81 17.36
C3 DQV H . -9.92 0.14 18.42
C2 DQV H . -10.47 0.51 19.63
C1 DQV H . -9.87 0.12 20.81
C DQV H . -10.46 0.52 22.12
O DQV H . -11.68 0.71 22.19
N DQV H . -9.65 0.72 23.14
O3 DQV I . -6.32 -13.68 16.90
O3 DQV I . -5.04 -15.82 16.07
C4 DQV I . -10.46 -19.69 13.13
C5 DQV I . -9.79 -18.60 13.65
O4 DQV I . -8.78 -13.82 17.67
O4 DQV I . -6.05 -18.16 15.72
C6 DQV I . -8.42 -18.51 13.50
N1 DQV I . 0.71 -17.88 18.90
C7 DQV I . -10.56 -17.46 14.29
C8 DQV I . -9.90 -16.62 16.39
N2 DQV I . 1.74 -19.64 19.81
C9 DQV I . -8.57 -16.80 17.07
C9 DQV I . -8.58 -16.79 17.10
O5 DQV I . -6.98 -15.09 18.87
O5 DQV I . -5.99 -17.13 18.02
C10 DQV I . -3.22 -15.60 19.45
O6 DQV I . -5.78 -16.30 20.74
O6 DQV I . -6.97 -15.20 19.27
C11 DQV I . -2.15 -15.78 18.39
C12 DQV I . -0.26 -17.09 18.14
N3 DQV I . 4.40 -19.21 21.35
C13 DQV I . -1.37 -17.89 17.46
O7 DQV I . -5.94 -17.36 18.42
O7 DQV I . -5.52 -16.92 20.49
C14 DQV I . -2.46 -16.83 17.29
O8 DQV I . -4.50 -15.33 18.81
C15 DQV I . 0.70 -19.24 19.11
N4 DQV I . 4.12 -16.98 20.80
P1 DQV I . -5.81 -16.13 19.25
O11 DQV I . -2.44 -16.22 16.00
O10 DQV I . -0.92 -18.46 16.25
C19 DQV I . 1.84 -17.40 19.50
N5 DQV I . 2.25 -16.12 19.53
C18 DQV I . 3.39 -16.02 20.20
C17 DQV I . 3.68 -18.25 20.76
C16 DQV I . 2.47 -18.48 20.06
O9 DQV I . -0.93 -16.22 19.02
P DQV I . -7.45 -14.48 17.47
P DQV I . -6.07 -16.85 16.44
O2 DQV I . -7.65 -15.80 16.59
O2 DQV I . -7.52 -16.20 16.30
O1 DQV I . -9.67 -16.56 14.97
C20 DQV I . -10.93 -17.73 16.62
O12 DQV I . -11.82 -17.38 17.67
C21 DQV I . -11.66 -17.80 15.28
O13 DQV I . -12.71 -16.86 15.15
C3 DQV I . -9.76 -20.69 12.49
C2 DQV I . -8.38 -20.61 12.36
C1 DQV I . -7.70 -19.50 12.84
C DQV I . -6.21 -19.39 12.71
O DQV I . -5.59 -20.10 11.91
N DQV I . -5.58 -18.53 13.50
#